data_8BVB
#
_entry.id   8BVB
#
_cell.length_a   61.375
_cell.length_b   208.105
_cell.length_c   64.234
_cell.angle_alpha   90.000
_cell.angle_beta   117.575
_cell.angle_gamma   90.000
#
_symmetry.space_group_name_H-M   'P 1 21 1'
#
loop_
_entity.id
_entity.type
_entity.pdbx_description
1 polymer 'Aldo_ket_red domain-containing protein'
2 water water
#
_entity_poly.entity_id   1
_entity_poly.type   'polypeptide(L)'
_entity_poly.pdbx_seq_one_letter_code
;MRYRPFGSTGVAVSALTLRLADNPRLRANDWRALVFTALENGVNSFQIDGDAPELLKGAGEAFASVERHLLFLTWRLRGD
AKQLGPHTLDALKRSAFEGLSLDYLDLLLINDPQSASLPMAFESGLQDLQKGRALRGLGVASRGDIDPGLLANDLVTAVS
SPYNLSSGWAERHRIRQASQNNFAVIGEDFWPQALRELADVGGYEFLTNTPGWSAEDICLGYALTEPSLATVRVTADNRQ
EIERLAAVVERDLPTGVCAQIEMARFSAQEREKAARRPKLAAALEHHHHEK
;
_entity_poly.pdbx_strand_id   A,B,C,D
#
# COMPACT_ATOMS: atom_id res chain seq x y z
N MET A 1 -15.40 -18.58 -17.04
CA MET A 1 -14.53 -17.67 -17.78
C MET A 1 -14.49 -16.30 -17.09
N ARG A 2 -13.36 -15.62 -17.26
CA ARG A 2 -13.13 -14.30 -16.73
C ARG A 2 -12.79 -13.38 -17.90
N TYR A 3 -12.99 -12.09 -17.71
CA TYR A 3 -12.90 -11.09 -18.78
C TYR A 3 -12.00 -9.97 -18.30
N ARG A 4 -11.06 -9.54 -19.15
CA ARG A 4 -10.04 -8.57 -18.80
C ARG A 4 -10.17 -7.34 -19.68
N PRO A 5 -9.73 -6.18 -19.21
CA PRO A 5 -9.69 -5.00 -20.06
C PRO A 5 -8.67 -5.21 -21.15
N PHE A 6 -9.05 -4.88 -22.38
CA PHE A 6 -8.15 -5.06 -23.52
C PHE A 6 -7.32 -3.79 -23.65
N GLY A 7 -6.25 -3.75 -22.87
CA GLY A 7 -5.44 -2.56 -22.78
C GLY A 7 -6.28 -1.38 -22.38
N SER A 8 -5.99 -0.25 -22.99
CA SER A 8 -6.68 1.00 -22.68
C SER A 8 -7.81 1.29 -23.66
N THR A 9 -8.24 0.29 -24.44
CA THR A 9 -9.28 0.52 -25.44
C THR A 9 -10.64 0.83 -24.81
N GLY A 10 -10.89 0.42 -23.58
CA GLY A 10 -12.21 0.54 -22.99
C GLY A 10 -13.12 -0.66 -23.14
N VAL A 11 -12.67 -1.74 -23.81
CA VAL A 11 -13.51 -2.92 -24.03
C VAL A 11 -12.87 -4.11 -23.32
N ALA A 12 -13.69 -5.12 -23.06
CA ALA A 12 -13.27 -6.32 -22.34
C ALA A 12 -13.21 -7.52 -23.25
N VAL A 13 -12.27 -8.42 -22.97
CA VAL A 13 -12.12 -9.64 -23.74
C VAL A 13 -11.98 -10.82 -22.80
N SER A 14 -12.48 -11.97 -23.22
CA SER A 14 -12.28 -13.18 -22.43
C SER A 14 -10.79 -13.45 -22.25
N ALA A 15 -10.44 -14.12 -21.12
CA ALA A 15 -9.04 -14.39 -20.82
C ALA A 15 -8.40 -15.32 -21.82
N LEU A 16 -9.18 -16.11 -22.54
CA LEU A 16 -8.67 -16.89 -23.65
C LEU A 16 -9.15 -16.28 -24.95
N THR A 17 -8.29 -16.32 -25.95
CA THR A 17 -8.64 -16.01 -27.33
C THR A 17 -8.49 -17.27 -28.15
N LEU A 18 -9.52 -17.65 -28.89
CA LEU A 18 -9.40 -18.84 -29.73
C LEU A 18 -8.94 -18.47 -31.13
N ARG A 19 -7.79 -19.00 -31.53
CA ARG A 19 -7.26 -18.84 -32.88
C ARG A 19 -7.84 -19.93 -33.76
N LEU A 20 -8.32 -19.53 -34.93
CA LEU A 20 -8.85 -20.42 -35.96
C LEU A 20 -7.86 -20.36 -37.12
N ALA A 21 -7.08 -21.41 -37.31
CA ALA A 21 -6.04 -21.41 -38.34
C ALA A 21 -6.39 -22.37 -39.47
N ASP A 22 -5.96 -22.06 -40.70
CA ASP A 22 -6.25 -22.93 -41.84
C ASP A 22 -5.89 -24.36 -41.52
N ASN A 23 -6.78 -25.26 -41.86
CA ASN A 23 -6.61 -26.69 -41.68
C ASN A 23 -7.35 -27.38 -42.83
N PRO A 24 -6.60 -27.90 -43.82
CA PRO A 24 -7.25 -28.44 -45.02
C PRO A 24 -8.15 -29.62 -44.72
N ARG A 25 -8.11 -30.16 -43.51
CA ARG A 25 -8.81 -31.39 -43.21
C ARG A 25 -10.16 -31.12 -42.53
N LEU A 26 -10.50 -29.85 -42.31
CA LEU A 26 -11.76 -29.43 -41.71
C LEU A 26 -12.63 -28.76 -42.75
N ARG A 27 -13.94 -28.82 -42.52
CA ARG A 27 -14.95 -28.21 -43.37
C ARG A 27 -15.68 -27.14 -42.57
N ALA A 28 -16.58 -26.40 -43.24
CA ALA A 28 -17.27 -25.28 -42.60
C ALA A 28 -17.90 -25.67 -41.26
N ASN A 29 -18.64 -26.78 -41.22
CA ASN A 29 -19.36 -27.12 -39.99
C ASN A 29 -18.44 -27.54 -38.84
N ASP A 30 -17.22 -28.00 -39.12
CA ASP A 30 -16.26 -28.23 -38.05
C ASP A 30 -15.84 -26.92 -37.40
N TRP A 31 -15.53 -25.90 -38.21
CA TRP A 31 -15.19 -24.57 -37.69
C TRP A 31 -16.35 -23.96 -36.92
N ARG A 32 -17.56 -24.04 -37.49
CA ARG A 32 -18.74 -23.56 -36.76
C ARG A 32 -18.85 -24.23 -35.40
N ALA A 33 -18.60 -25.55 -35.34
CA ALA A 33 -18.70 -26.26 -34.06
C ALA A 33 -17.65 -25.82 -33.07
N LEU A 34 -16.43 -25.55 -33.54
CA LEU A 34 -15.37 -25.11 -32.62
C LEU A 34 -15.74 -23.75 -32.04
N VAL A 35 -16.20 -22.84 -32.89
CA VAL A 35 -16.63 -21.53 -32.39
C VAL A 35 -17.80 -21.69 -31.39
N PHE A 36 -18.79 -22.52 -31.73
CA PHE A 36 -19.91 -22.74 -30.80
C PHE A 36 -19.42 -23.23 -29.45
N THR A 37 -18.49 -24.19 -29.44
CA THR A 37 -18.03 -24.70 -28.15
C THR A 37 -17.34 -23.61 -27.36
N ALA A 38 -16.55 -22.76 -28.06
CA ALA A 38 -15.87 -21.67 -27.36
C ALA A 38 -16.89 -20.71 -26.76
N LEU A 39 -17.90 -20.34 -27.54
CA LEU A 39 -18.94 -19.42 -27.06
C LEU A 39 -19.64 -20.00 -25.84
N GLU A 40 -19.92 -21.29 -25.89
CA GLU A 40 -20.58 -21.97 -24.77
C GLU A 40 -19.70 -22.05 -23.56
N ASN A 41 -18.38 -21.87 -23.73
CA ASN A 41 -17.49 -21.78 -22.58
C ASN A 41 -17.06 -20.33 -22.28
N GLY A 42 -17.79 -19.34 -22.80
CA GLY A 42 -17.53 -17.96 -22.42
C GLY A 42 -16.52 -17.20 -23.26
N VAL A 43 -15.93 -17.82 -24.27
CA VAL A 43 -14.93 -17.14 -25.08
C VAL A 43 -15.64 -16.18 -26.04
N ASN A 44 -15.22 -14.92 -26.04
CA ASN A 44 -15.78 -13.98 -26.98
C ASN A 44 -14.73 -13.38 -27.89
N SER A 45 -13.48 -13.82 -27.75
CA SER A 45 -12.36 -13.27 -28.50
C SER A 45 -11.85 -14.34 -29.45
N PHE A 46 -11.85 -14.04 -30.73
CA PHE A 46 -11.47 -14.96 -31.80
C PHE A 46 -10.46 -14.29 -32.71
N GLN A 47 -9.46 -15.05 -33.13
CA GLN A 47 -8.42 -14.59 -34.05
C GLN A 47 -8.49 -15.47 -35.28
N ILE A 48 -8.73 -14.86 -36.43
CA ILE A 48 -8.84 -15.60 -37.68
C ILE A 48 -7.47 -15.53 -38.34
N ASP A 49 -6.86 -16.69 -38.55
CA ASP A 49 -5.49 -16.82 -39.03
C ASP A 49 -5.49 -17.80 -40.21
N GLY A 50 -6.22 -17.44 -41.25
CA GLY A 50 -6.27 -18.21 -42.47
C GLY A 50 -7.37 -17.64 -43.33
N ASP A 51 -7.46 -18.14 -44.55
CA ASP A 51 -8.52 -17.60 -45.40
C ASP A 51 -9.19 -18.65 -46.28
N ALA A 52 -9.08 -19.93 -45.93
CA ALA A 52 -9.77 -20.96 -46.69
C ALA A 52 -11.28 -20.66 -46.73
N PRO A 53 -11.91 -20.82 -47.88
CA PRO A 53 -13.35 -20.58 -47.98
C PRO A 53 -14.18 -21.32 -46.94
N GLU A 54 -13.82 -22.57 -46.60
CA GLU A 54 -14.57 -23.30 -45.58
C GLU A 54 -14.41 -22.69 -44.20
N LEU A 55 -13.19 -22.26 -43.86
CA LEU A 55 -12.94 -21.53 -42.62
C LEU A 55 -13.79 -20.25 -42.53
N LEU A 56 -13.74 -19.42 -43.57
CA LEU A 56 -14.51 -18.17 -43.55
C LEU A 56 -16.00 -18.45 -43.45
N LYS A 57 -16.51 -19.43 -44.21
CA LYS A 57 -17.94 -19.73 -44.16
C LYS A 57 -18.38 -20.22 -42.78
N GLY A 58 -17.66 -21.20 -42.23
CA GLY A 58 -18.08 -21.76 -40.94
C GLY A 58 -17.91 -20.78 -39.79
N ALA A 59 -16.78 -20.06 -39.77
CA ALA A 59 -16.55 -19.09 -38.69
C ALA A 59 -17.54 -17.94 -38.80
N GLY A 60 -17.75 -17.43 -40.01
CA GLY A 60 -18.72 -16.35 -40.18
C GLY A 60 -20.13 -16.75 -39.77
N GLU A 61 -20.53 -17.98 -40.09
CA GLU A 61 -21.84 -18.45 -39.65
C GLU A 61 -21.92 -18.50 -38.14
N ALA A 62 -20.88 -19.00 -37.48
CA ALA A 62 -20.90 -19.06 -36.01
C ALA A 62 -20.88 -17.67 -35.40
N PHE A 63 -20.10 -16.73 -35.96
CA PHE A 63 -20.10 -15.38 -35.38
C PHE A 63 -21.46 -14.73 -35.51
N ALA A 64 -22.19 -15.05 -36.57
CA ALA A 64 -23.52 -14.46 -36.79
C ALA A 64 -24.57 -15.03 -35.84
N SER A 65 -24.24 -16.03 -35.02
CA SER A 65 -25.17 -16.63 -34.09
C SER A 65 -25.34 -15.82 -32.80
N VAL A 66 -24.51 -14.81 -32.60
CA VAL A 66 -24.58 -13.92 -31.43
C VAL A 66 -24.53 -12.47 -31.93
N GLU A 67 -24.84 -11.54 -31.03
CA GLU A 67 -24.70 -10.12 -31.35
C GLU A 67 -23.24 -9.77 -31.60
N ARG A 68 -22.99 -9.10 -32.75
CA ARG A 68 -21.62 -8.84 -33.19
C ARG A 68 -20.85 -8.06 -32.13
N HIS A 69 -21.51 -7.08 -31.48
CA HIS A 69 -20.79 -6.23 -30.55
C HIS A 69 -20.38 -6.97 -29.28
N LEU A 70 -20.87 -8.18 -29.05
CA LEU A 70 -20.38 -8.98 -27.94
C LEU A 70 -19.06 -9.68 -28.25
N LEU A 71 -18.64 -9.70 -29.50
CA LEU A 71 -17.42 -10.40 -29.88
C LEU A 71 -16.27 -9.44 -30.09
N PHE A 72 -15.05 -9.96 -29.87
CA PHE A 72 -13.81 -9.26 -30.23
C PHE A 72 -13.14 -10.10 -31.31
N LEU A 73 -13.09 -9.58 -32.53
CA LEU A 73 -12.63 -10.35 -33.67
C LEU A 73 -11.36 -9.72 -34.21
N THR A 74 -10.30 -10.53 -34.27
CA THR A 74 -8.98 -10.10 -34.72
C THR A 74 -8.67 -10.85 -36.02
N TRP A 75 -8.29 -10.12 -37.05
CA TRP A 75 -7.77 -10.72 -38.28
C TRP A 75 -6.26 -10.72 -38.25
N ARG A 76 -5.65 -11.91 -38.43
CA ARG A 76 -4.19 -12.06 -38.39
C ARG A 76 -3.65 -11.95 -39.81
N LEU A 77 -2.88 -10.91 -40.08
CA LEU A 77 -2.37 -10.57 -41.41
C LEU A 77 -0.88 -10.88 -41.39
N ARG A 78 -0.50 -12.00 -41.98
CA ARG A 78 0.91 -12.35 -42.01
C ARG A 78 1.56 -11.78 -43.27
N GLY A 79 2.81 -12.16 -43.53
CA GLY A 79 3.59 -11.62 -44.62
C GLY A 79 4.48 -10.47 -44.19
N ASP A 80 5.47 -10.16 -45.02
CA ASP A 80 6.38 -9.05 -44.75
C ASP A 80 5.60 -7.73 -44.69
N ALA A 81 5.48 -7.13 -43.51
CA ALA A 81 4.70 -5.90 -43.37
C ALA A 81 5.27 -4.75 -44.18
N LYS A 82 6.57 -4.76 -44.49
CA LYS A 82 7.14 -3.77 -45.39
C LYS A 82 6.63 -3.88 -46.82
N GLN A 83 5.98 -4.98 -47.20
CA GLN A 83 5.48 -5.15 -48.56
C GLN A 83 3.97 -5.00 -48.65
N LEU A 84 3.32 -4.62 -47.57
CA LEU A 84 1.88 -4.41 -47.59
C LEU A 84 1.51 -3.19 -48.42
N GLY A 85 0.39 -3.28 -49.13
CA GLY A 85 -0.05 -2.22 -50.01
C GLY A 85 -1.52 -2.30 -50.35
N PRO A 86 -1.93 -1.61 -51.42
CA PRO A 86 -3.35 -1.63 -51.83
C PRO A 86 -3.90 -3.01 -52.12
N HIS A 87 -3.09 -3.91 -52.70
CA HIS A 87 -3.55 -5.27 -52.95
C HIS A 87 -3.97 -5.92 -51.63
N THR A 88 -3.18 -5.68 -50.57
CA THR A 88 -3.45 -6.24 -49.26
C THR A 88 -4.79 -5.76 -48.72
N LEU A 89 -5.06 -4.46 -48.84
CA LEU A 89 -6.35 -3.93 -48.42
C LEU A 89 -7.50 -4.55 -49.22
N ASP A 90 -7.34 -4.69 -50.54
CA ASP A 90 -8.41 -5.32 -51.31
C ASP A 90 -8.66 -6.76 -50.85
N ALA A 91 -7.58 -7.51 -50.61
CA ALA A 91 -7.73 -8.88 -50.17
C ALA A 91 -8.37 -8.96 -48.79
N LEU A 92 -8.00 -8.03 -47.90
CA LEU A 92 -8.59 -7.98 -46.57
C LEU A 92 -10.08 -7.70 -46.67
N LYS A 93 -10.47 -6.78 -47.56
CA LYS A 93 -11.89 -6.51 -47.73
C LYS A 93 -12.63 -7.73 -48.24
N ARG A 94 -12.02 -8.47 -49.18
CA ARG A 94 -12.72 -9.64 -49.68
C ARG A 94 -12.79 -10.75 -48.64
N SER A 95 -11.72 -10.99 -47.90
CA SER A 95 -11.69 -12.15 -47.01
C SER A 95 -12.27 -11.85 -45.65
N ALA A 96 -11.77 -10.80 -45.00
CA ALA A 96 -12.22 -10.51 -43.64
C ALA A 96 -13.64 -9.96 -43.65
N PHE A 97 -13.90 -8.98 -44.52
CA PHE A 97 -15.20 -8.32 -44.41
C PHE A 97 -16.27 -9.09 -45.19
N GLU A 98 -16.07 -9.34 -46.49
CA GLU A 98 -17.09 -10.08 -47.22
C GLU A 98 -17.12 -11.57 -46.81
N GLY A 99 -15.95 -12.21 -46.69
CA GLY A 99 -15.94 -13.63 -46.39
C GLY A 99 -16.47 -13.98 -45.00
N LEU A 100 -16.13 -13.17 -44.00
CA LEU A 100 -16.66 -13.39 -42.65
C LEU A 100 -18.00 -12.69 -42.43
N SER A 101 -18.50 -11.96 -43.42
CA SER A 101 -19.72 -11.15 -43.28
C SER A 101 -19.64 -10.16 -42.11
N LEU A 102 -18.54 -9.42 -42.07
CA LEU A 102 -18.32 -8.40 -41.05
C LEU A 102 -18.40 -7.01 -41.66
N ASP A 103 -18.89 -6.07 -40.85
CA ASP A 103 -18.81 -4.63 -41.10
C ASP A 103 -17.58 -4.00 -40.48
N TYR A 104 -16.98 -4.63 -39.48
CA TYR A 104 -15.80 -4.04 -38.88
C TYR A 104 -14.97 -5.15 -38.25
N LEU A 105 -13.68 -4.87 -38.11
CA LEU A 105 -12.77 -5.71 -37.33
C LEU A 105 -12.43 -4.99 -36.04
N ASP A 106 -12.39 -5.73 -34.94
CA ASP A 106 -11.89 -5.09 -33.71
C ASP A 106 -10.38 -4.87 -33.74
N LEU A 107 -9.64 -5.74 -34.40
CA LEU A 107 -8.19 -5.60 -34.44
C LEU A 107 -7.65 -6.23 -35.71
N LEU A 108 -6.69 -5.55 -36.35
CA LEU A 108 -5.88 -6.12 -37.43
C LEU A 108 -4.48 -6.35 -36.86
N LEU A 109 -4.00 -7.59 -36.88
CA LEU A 109 -2.73 -7.94 -36.19
C LEU A 109 -1.72 -8.32 -37.27
N ILE A 110 -0.73 -7.46 -37.50
CA ILE A 110 0.22 -7.61 -38.58
C ILE A 110 1.57 -8.04 -37.99
N ASN A 111 2.46 -8.49 -38.87
CA ASN A 111 3.83 -8.78 -38.46
C ASN A 111 4.60 -7.49 -38.19
N ASP A 112 5.53 -7.57 -37.26
CA ASP A 112 6.47 -6.47 -37.03
C ASP A 112 7.24 -6.15 -38.30
N PRO A 113 7.14 -4.94 -38.85
CA PRO A 113 7.92 -4.62 -40.05
C PRO A 113 9.41 -4.48 -39.77
N GLN A 114 9.79 -4.41 -38.49
CA GLN A 114 11.18 -4.16 -38.11
C GLN A 114 11.62 -2.80 -38.63
N SER A 115 10.78 -1.81 -38.35
CA SER A 115 10.92 -0.44 -38.83
C SER A 115 10.01 0.44 -38.00
N ALA A 116 10.33 1.73 -37.94
CA ALA A 116 9.46 2.70 -37.30
C ALA A 116 8.22 3.04 -38.12
N SER A 117 8.15 2.61 -39.37
CA SER A 117 7.09 3.06 -40.26
C SER A 117 6.47 1.87 -40.98
N LEU A 118 5.23 2.08 -41.41
CA LEU A 118 4.50 1.22 -42.32
C LEU A 118 4.55 1.81 -43.70
N PRO A 119 4.37 1.00 -44.74
CA PRO A 119 4.29 1.56 -46.10
C PRO A 119 3.15 2.58 -46.18
N MET A 120 3.40 3.68 -46.90
CA MET A 120 2.47 4.81 -46.88
C MET A 120 1.09 4.43 -47.39
N ALA A 121 1.01 3.75 -48.53
CA ALA A 121 -0.30 3.49 -49.11
C ALA A 121 -1.14 2.60 -48.20
N PHE A 122 -0.48 1.62 -47.59
CA PHE A 122 -1.16 0.71 -46.66
C PHE A 122 -1.65 1.47 -45.44
N GLU A 123 -0.79 2.32 -44.87
CA GLU A 123 -1.18 3.09 -43.71
C GLU A 123 -2.34 4.02 -44.03
N SER A 124 -2.32 4.64 -45.20
CA SER A 124 -3.43 5.51 -45.60
C SER A 124 -4.71 4.70 -45.74
N GLY A 125 -4.61 3.47 -46.25
CA GLY A 125 -5.78 2.61 -46.33
C GLY A 125 -6.31 2.23 -44.95
N LEU A 126 -5.40 1.92 -44.01
CA LEU A 126 -5.85 1.66 -42.64
C LEU A 126 -6.54 2.89 -42.04
N GLN A 127 -6.01 4.09 -42.33
CA GLN A 127 -6.68 5.29 -41.85
C GLN A 127 -8.07 5.43 -42.46
N ASP A 128 -8.23 5.04 -43.73
CA ASP A 128 -9.56 5.07 -44.35
C ASP A 128 -10.52 4.12 -43.63
N LEU A 129 -10.06 2.89 -43.35
CA LEU A 129 -10.88 1.94 -42.60
C LEU A 129 -11.29 2.49 -41.25
N GLN A 130 -10.35 3.11 -40.53
CA GLN A 130 -10.67 3.62 -39.21
C GLN A 130 -11.69 4.75 -39.30
N LYS A 131 -11.52 5.68 -40.25
CA LYS A 131 -12.51 6.74 -40.44
C LYS A 131 -13.87 6.20 -40.82
N GLY A 132 -13.92 5.09 -41.55
CA GLY A 132 -15.16 4.41 -41.83
C GLY A 132 -15.72 3.56 -40.70
N ARG A 133 -15.07 3.56 -39.54
CA ARG A 133 -15.44 2.73 -38.38
C ARG A 133 -15.45 1.24 -38.72
N ALA A 134 -14.61 0.86 -39.66
CA ALA A 134 -14.44 -0.52 -40.09
C ALA A 134 -13.25 -1.19 -39.42
N LEU A 135 -12.43 -0.47 -38.67
CA LEU A 135 -11.27 -1.06 -38.02
C LEU A 135 -11.00 -0.32 -36.73
N ARG A 136 -11.00 -1.04 -35.60
CA ARG A 136 -10.87 -0.33 -34.33
C ARG A 136 -9.43 -0.23 -33.85
N GLY A 137 -8.52 -1.02 -34.38
CA GLY A 137 -7.16 -0.92 -33.90
C GLY A 137 -6.22 -1.75 -34.74
N LEU A 138 -4.95 -1.36 -34.69
CA LEU A 138 -3.87 -2.14 -35.29
C LEU A 138 -3.00 -2.73 -34.19
N GLY A 139 -2.58 -3.96 -34.39
CA GLY A 139 -1.72 -4.63 -33.45
C GLY A 139 -0.51 -5.12 -34.22
N VAL A 140 0.60 -5.25 -33.49
CA VAL A 140 1.88 -5.68 -34.06
C VAL A 140 2.32 -6.92 -33.30
N ALA A 141 2.57 -8.00 -34.02
CA ALA A 141 3.00 -9.25 -33.45
C ALA A 141 4.50 -9.34 -33.61
N SER A 142 5.21 -9.70 -32.54
CA SER A 142 6.67 -9.72 -32.61
C SER A 142 7.22 -10.77 -31.67
N ARG A 143 8.39 -11.32 -32.01
CA ARG A 143 9.16 -12.13 -31.09
C ARG A 143 10.42 -11.42 -30.62
N GLY A 144 10.57 -10.14 -30.95
CA GLY A 144 11.67 -9.33 -30.51
C GLY A 144 11.19 -8.01 -29.94
N ASP A 145 12.04 -7.01 -30.06
CA ASP A 145 11.74 -5.66 -29.59
C ASP A 145 11.21 -4.82 -30.75
N ILE A 146 9.97 -4.31 -30.60
CA ILE A 146 9.35 -3.48 -31.63
C ILE A 146 9.89 -2.06 -31.53
N ASP A 147 10.17 -1.44 -32.68
CA ASP A 147 10.58 -0.04 -32.69
C ASP A 147 9.56 0.83 -31.97
N PRO A 148 9.98 1.64 -30.98
CA PRO A 148 9.00 2.46 -30.25
C PRO A 148 8.31 3.48 -31.13
N GLY A 149 8.98 3.91 -32.22
CA GLY A 149 8.35 4.83 -33.16
C GLY A 149 7.16 4.22 -33.86
N LEU A 150 7.17 2.90 -34.09
CA LEU A 150 6.00 2.24 -34.66
C LEU A 150 4.88 2.19 -33.63
N LEU A 151 5.21 1.80 -32.40
CA LEU A 151 4.19 1.72 -31.35
C LEU A 151 3.54 3.06 -31.09
N ALA A 152 4.29 4.16 -31.29
CA ALA A 152 3.76 5.50 -31.07
C ALA A 152 2.70 5.89 -32.09
N ASN A 153 2.70 5.26 -33.26
CA ASN A 153 1.64 5.50 -34.25
C ASN A 153 0.27 5.38 -33.59
N ASP A 154 -0.60 6.34 -33.88
CA ASP A 154 -1.92 6.35 -33.25
C ASP A 154 -2.74 5.12 -33.59
N LEU A 155 -2.50 4.49 -34.74
CA LEU A 155 -3.24 3.29 -35.10
C LEU A 155 -2.98 2.14 -34.11
N VAL A 156 -1.75 2.05 -33.64
CA VAL A 156 -1.29 0.83 -32.98
C VAL A 156 -1.70 0.87 -31.52
N THR A 157 -2.60 -0.05 -31.13
CA THR A 157 -3.11 -0.13 -29.78
C THR A 157 -2.81 -1.45 -29.06
N ALA A 158 -2.18 -2.41 -29.74
CA ALA A 158 -1.99 -3.73 -29.13
C ALA A 158 -0.71 -4.32 -29.68
N VAL A 159 -0.11 -5.22 -28.91
CA VAL A 159 1.00 -6.02 -29.38
C VAL A 159 0.71 -7.48 -29.03
N SER A 160 1.41 -8.38 -29.72
CA SER A 160 1.26 -9.80 -29.41
C SER A 160 2.66 -10.35 -29.30
N SER A 161 2.88 -11.22 -28.32
CA SER A 161 4.24 -11.58 -27.95
C SER A 161 4.21 -12.95 -27.30
N PRO A 162 5.27 -13.74 -27.44
CA PRO A 162 5.29 -15.05 -26.80
C PRO A 162 5.46 -14.95 -25.29
N TYR A 163 4.77 -15.83 -24.56
CA TYR A 163 5.01 -15.93 -23.12
C TYR A 163 4.63 -17.33 -22.65
N ASN A 164 5.57 -18.05 -22.02
CA ASN A 164 5.28 -19.36 -21.46
C ASN A 164 6.07 -19.50 -20.17
N LEU A 165 5.89 -20.64 -19.49
CA LEU A 165 6.55 -20.80 -18.21
C LEU A 165 8.05 -21.02 -18.33
N SER A 166 8.59 -21.14 -19.56
CA SER A 166 10.06 -21.19 -19.72
C SER A 166 10.59 -19.92 -20.35
N SER A 167 9.77 -18.88 -20.45
CA SER A 167 10.21 -17.57 -20.90
C SER A 167 11.11 -16.92 -19.87
N GLY A 168 12.07 -16.14 -20.37
CA GLY A 168 12.96 -15.38 -19.51
C GLY A 168 12.55 -13.94 -19.35
N TRP A 169 13.43 -13.17 -18.70
CA TRP A 169 13.07 -11.81 -18.33
C TRP A 169 13.07 -10.85 -19.51
N ALA A 170 13.78 -11.12 -20.60
CA ALA A 170 13.64 -10.24 -21.76
C ALA A 170 12.23 -10.33 -22.32
N GLU A 171 11.71 -11.55 -22.50
CA GLU A 171 10.32 -11.65 -22.95
C GLU A 171 9.35 -11.03 -21.95
N ARG A 172 9.58 -11.29 -20.66
CA ARG A 172 8.66 -10.79 -19.65
C ARG A 172 8.68 -9.27 -19.55
N HIS A 173 9.87 -8.69 -19.72
CA HIS A 173 10.00 -7.25 -19.70
C HIS A 173 9.25 -6.63 -20.87
N ARG A 174 9.34 -7.27 -22.04
CA ARG A 174 8.64 -6.70 -23.19
C ARG A 174 7.14 -6.58 -22.94
N ILE A 175 6.54 -7.64 -22.40
CA ILE A 175 5.09 -7.60 -22.24
C ILE A 175 4.70 -6.66 -21.09
N ARG A 176 5.47 -6.66 -19.99
CA ARG A 176 5.11 -5.78 -18.87
C ARG A 176 5.29 -4.31 -19.22
N GLN A 177 6.32 -3.99 -20.02
CA GLN A 177 6.51 -2.61 -20.44
C GLN A 177 5.41 -2.16 -21.39
N ALA A 178 5.05 -2.99 -22.38
CA ALA A 178 3.92 -2.63 -23.26
C ALA A 178 2.65 -2.37 -22.45
N SER A 179 2.34 -3.25 -21.51
CA SER A 179 1.12 -3.07 -20.72
C SER A 179 1.17 -1.82 -19.86
N GLN A 180 2.32 -1.54 -19.26
CA GLN A 180 2.50 -0.32 -18.49
C GLN A 180 2.39 0.94 -19.36
N ASN A 181 2.73 0.84 -20.65
CA ASN A 181 2.55 1.95 -21.60
C ASN A 181 1.19 1.95 -22.28
N ASN A 182 0.24 1.20 -21.74
CA ASN A 182 -1.19 1.22 -22.10
C ASN A 182 -1.51 0.48 -23.40
N PHE A 183 -0.65 -0.42 -23.83
CA PHE A 183 -1.01 -1.30 -24.93
C PHE A 183 -1.74 -2.52 -24.42
N ALA A 184 -2.63 -3.05 -25.24
CA ALA A 184 -3.17 -4.38 -25.01
C ALA A 184 -2.12 -5.38 -25.42
N VAL A 185 -1.89 -6.41 -24.60
CA VAL A 185 -0.90 -7.43 -24.94
C VAL A 185 -1.62 -8.77 -25.08
N ILE A 186 -1.50 -9.39 -26.24
CA ILE A 186 -2.02 -10.74 -26.47
C ILE A 186 -0.86 -11.71 -26.25
N GLY A 187 -1.05 -12.71 -25.40
CA GLY A 187 0.00 -13.70 -25.15
C GLY A 187 -0.06 -14.81 -26.18
N GLU A 188 1.09 -15.16 -26.74
CA GLU A 188 1.19 -16.20 -27.75
C GLU A 188 2.09 -17.31 -27.25
N ASP A 189 1.99 -18.47 -27.91
CA ASP A 189 2.90 -19.61 -27.71
C ASP A 189 3.03 -19.97 -26.23
N PHE A 190 1.87 -20.13 -25.59
CA PHE A 190 1.94 -20.61 -24.21
C PHE A 190 2.47 -22.04 -24.16
N TRP A 191 2.46 -22.76 -25.28
CA TRP A 191 2.67 -24.21 -25.29
C TRP A 191 3.48 -24.58 -26.54
N PRO A 192 4.67 -24.00 -26.68
CA PRO A 192 5.46 -24.20 -27.91
C PRO A 192 6.03 -25.60 -27.99
N GLN A 193 6.37 -26.01 -29.22
CA GLN A 193 6.91 -27.36 -29.42
C GLN A 193 8.13 -27.65 -28.54
N ALA A 194 9.04 -26.67 -28.40
CA ALA A 194 10.21 -26.89 -27.56
C ALA A 194 9.80 -27.25 -26.13
N LEU A 195 8.78 -26.57 -25.60
CA LEU A 195 8.36 -26.89 -24.24
C LEU A 195 7.66 -28.25 -24.18
N ARG A 196 6.95 -28.65 -25.24
CA ARG A 196 6.38 -30.00 -25.24
C ARG A 196 7.48 -31.04 -25.16
N GLU A 197 8.62 -30.76 -25.79
CA GLU A 197 9.71 -31.74 -25.74
C GLU A 197 10.37 -31.75 -24.36
N LEU A 198 10.61 -30.57 -23.78
CA LEU A 198 11.13 -30.51 -22.41
C LEU A 198 10.19 -31.19 -21.42
N ALA A 199 8.87 -31.08 -21.64
CA ALA A 199 7.94 -31.69 -20.69
C ALA A 199 8.09 -33.20 -20.61
N ASP A 200 8.68 -33.82 -21.63
CA ASP A 200 8.79 -35.27 -21.73
C ASP A 200 10.03 -35.81 -21.05
N VAL A 201 11.10 -35.04 -20.99
CA VAL A 201 12.36 -35.51 -20.42
C VAL A 201 13.17 -34.32 -19.92
N GLY A 202 13.62 -34.40 -18.67
CA GLY A 202 14.45 -33.35 -18.11
C GLY A 202 13.85 -32.66 -16.91
N GLY A 203 14.36 -31.46 -16.61
CA GLY A 203 13.88 -30.72 -15.46
C GLY A 203 12.42 -30.33 -15.53
N TYR A 204 11.79 -30.44 -16.70
CA TYR A 204 10.38 -30.09 -16.85
C TYR A 204 9.49 -31.33 -16.83
N GLU A 205 10.05 -32.50 -16.49
CA GLU A 205 9.22 -33.71 -16.51
C GLU A 205 8.02 -33.60 -15.57
N PHE A 206 8.12 -32.76 -14.53
CA PHE A 206 6.97 -32.58 -13.64
C PHE A 206 5.71 -32.18 -14.38
N LEU A 207 5.85 -31.53 -15.56
CA LEU A 207 4.67 -31.14 -16.34
C LEU A 207 3.82 -32.35 -16.74
N THR A 208 4.42 -33.52 -16.91
CA THR A 208 3.62 -34.68 -17.28
C THR A 208 3.44 -35.64 -16.12
N ASN A 209 3.86 -35.26 -14.92
CA ASN A 209 3.72 -36.13 -13.76
C ASN A 209 3.00 -35.42 -12.62
N THR A 210 2.13 -34.45 -12.92
CA THR A 210 1.45 -33.75 -11.84
C THR A 210 0.02 -34.27 -11.72
N PRO A 211 -0.35 -34.84 -10.57
CA PRO A 211 -1.70 -35.39 -10.42
C PRO A 211 -2.79 -34.35 -10.66
N GLY A 212 -3.76 -34.70 -11.51
CA GLY A 212 -4.90 -33.85 -11.76
C GLY A 212 -4.70 -32.82 -12.84
N TRP A 213 -3.52 -32.76 -13.44
CA TRP A 213 -3.20 -31.72 -14.43
C TRP A 213 -2.51 -32.35 -15.63
N SER A 214 -2.83 -31.88 -16.82
CA SER A 214 -2.00 -32.15 -17.99
C SER A 214 -0.91 -31.08 -18.11
N ALA A 215 0.16 -31.42 -18.83
CA ALA A 215 1.20 -30.44 -19.19
C ALA A 215 0.61 -29.20 -19.85
N GLU A 216 -0.23 -29.39 -20.85
CA GLU A 216 -0.80 -28.23 -21.53
C GLU A 216 -1.55 -27.32 -20.55
N ASP A 217 -2.32 -27.91 -19.63
CA ASP A 217 -3.14 -27.08 -18.76
C ASP A 217 -2.28 -26.34 -17.76
N ILE A 218 -1.20 -26.97 -17.25
CA ILE A 218 -0.26 -26.23 -16.41
C ILE A 218 0.32 -25.04 -17.18
N CYS A 219 0.72 -25.27 -18.43
CA CYS A 219 1.32 -24.19 -19.21
C CYS A 219 0.32 -23.03 -19.40
N LEU A 220 -0.94 -23.36 -19.69
CA LEU A 220 -1.94 -22.31 -19.81
C LEU A 220 -2.22 -21.64 -18.45
N GLY A 221 -2.30 -22.42 -17.37
CA GLY A 221 -2.48 -21.84 -16.04
C GLY A 221 -1.43 -20.82 -15.70
N TYR A 222 -0.17 -21.14 -15.98
CA TYR A 222 0.90 -20.20 -15.69
C TYR A 222 0.74 -18.94 -16.52
N ALA A 223 0.46 -19.07 -17.81
CA ALA A 223 0.32 -17.87 -18.64
C ALA A 223 -0.83 -17.00 -18.14
N LEU A 224 -1.90 -17.62 -17.61
CA LEU A 224 -3.04 -16.85 -17.08
C LEU A 224 -2.69 -16.10 -15.79
N THR A 225 -1.62 -16.51 -15.08
CA THR A 225 -1.23 -15.70 -13.92
C THR A 225 -0.36 -14.49 -14.25
N GLU A 226 0.06 -14.28 -15.50
CA GLU A 226 0.90 -13.12 -15.84
C GLU A 226 0.05 -11.85 -15.86
N PRO A 227 0.40 -10.81 -15.08
CA PRO A 227 -0.48 -9.64 -15.00
C PRO A 227 -0.55 -8.82 -16.28
N SER A 228 0.45 -8.90 -17.16
CA SER A 228 0.47 -7.94 -18.26
C SER A 228 -0.37 -8.39 -19.45
N LEU A 229 -0.84 -9.63 -19.48
CA LEU A 229 -1.54 -10.13 -20.66
C LEU A 229 -3.04 -9.87 -20.57
N ALA A 230 -3.60 -9.25 -21.61
CA ALA A 230 -5.06 -9.09 -21.66
C ALA A 230 -5.76 -10.41 -21.97
N THR A 231 -5.12 -11.28 -22.75
CA THR A 231 -5.76 -12.52 -23.15
C THR A 231 -4.65 -13.45 -23.64
N VAL A 232 -4.90 -14.75 -23.57
CA VAL A 232 -3.94 -15.75 -24.01
C VAL A 232 -4.51 -16.47 -25.21
N ARG A 233 -3.75 -16.51 -26.29
CA ARG A 233 -4.21 -17.14 -27.52
C ARG A 233 -3.97 -18.63 -27.46
N VAL A 234 -5.00 -19.41 -27.73
CA VAL A 234 -4.92 -20.86 -27.80
C VAL A 234 -5.46 -21.32 -29.15
N THR A 235 -4.95 -22.44 -29.63
CA THR A 235 -5.47 -23.11 -30.83
C THR A 235 -5.90 -24.50 -30.38
N ALA A 236 -7.18 -24.78 -30.47
CA ALA A 236 -7.70 -26.10 -30.16
C ALA A 236 -8.56 -26.52 -31.34
N ASP A 237 -8.59 -27.82 -31.61
CA ASP A 237 -9.31 -28.31 -32.77
C ASP A 237 -10.33 -29.36 -32.41
N ASN A 238 -10.70 -29.47 -31.13
CA ASN A 238 -11.74 -30.42 -30.77
C ASN A 238 -12.47 -29.90 -29.54
N ARG A 239 -13.71 -30.37 -29.38
CA ARG A 239 -14.57 -29.88 -28.29
C ARG A 239 -13.90 -30.04 -26.94
N GLN A 240 -13.36 -31.23 -26.66
CA GLN A 240 -12.87 -31.49 -25.32
C GLN A 240 -11.66 -30.62 -24.99
N GLU A 241 -10.79 -30.33 -25.96
CA GLU A 241 -9.65 -29.46 -25.63
C GLU A 241 -10.12 -28.04 -25.30
N ILE A 242 -11.12 -27.55 -26.02
CA ILE A 242 -11.62 -26.20 -25.73
C ILE A 242 -12.21 -26.16 -24.33
N GLU A 243 -12.97 -27.19 -23.96
CA GLU A 243 -13.55 -27.22 -22.62
C GLU A 243 -12.48 -27.25 -21.54
N ARG A 244 -11.45 -28.10 -21.71
CA ARG A 244 -10.40 -28.16 -20.68
C ARG A 244 -9.64 -26.84 -20.55
N LEU A 245 -9.30 -26.22 -21.68
CA LEU A 245 -8.59 -24.94 -21.59
C LEU A 245 -9.44 -23.87 -20.94
N ALA A 246 -10.73 -23.80 -21.31
CA ALA A 246 -11.59 -22.84 -20.61
C ALA A 246 -11.64 -23.14 -19.12
N ALA A 247 -11.67 -24.43 -18.75
CA ALA A 247 -11.73 -24.77 -17.32
C ALA A 247 -10.50 -24.29 -16.58
N VAL A 248 -9.34 -24.27 -17.23
CA VAL A 248 -8.13 -23.79 -16.54
C VAL A 248 -8.31 -22.38 -16.02
N VAL A 249 -9.09 -21.55 -16.72
CA VAL A 249 -9.26 -20.16 -16.28
C VAL A 249 -9.83 -20.09 -14.87
N GLU A 250 -10.58 -21.11 -14.46
CA GLU A 250 -11.19 -21.13 -13.13
C GLU A 250 -10.43 -22.00 -12.12
N ARG A 251 -9.28 -22.55 -12.48
CA ARG A 251 -8.51 -23.39 -11.57
C ARG A 251 -7.37 -22.60 -10.93
N ASP A 252 -6.81 -23.15 -9.85
CA ASP A 252 -5.64 -22.58 -9.17
C ASP A 252 -4.49 -23.56 -9.31
N LEU A 253 -3.36 -23.09 -9.86
CA LEU A 253 -2.17 -23.94 -10.00
C LEU A 253 -1.67 -24.31 -8.60
N PRO A 254 -1.30 -25.57 -8.37
CA PRO A 254 -0.72 -25.92 -7.05
C PRO A 254 0.55 -25.13 -6.79
N THR A 255 0.78 -24.81 -5.50
CA THR A 255 2.00 -24.08 -5.16
C THR A 255 3.26 -24.91 -5.45
N GLY A 256 3.15 -26.25 -5.37
CA GLY A 256 4.28 -27.11 -5.70
C GLY A 256 4.65 -27.05 -7.18
N VAL A 257 3.65 -26.90 -8.05
CA VAL A 257 3.92 -26.70 -9.48
C VAL A 257 4.63 -25.36 -9.70
N CYS A 258 4.17 -24.31 -9.03
CA CYS A 258 4.83 -23.02 -9.15
C CYS A 258 6.29 -23.08 -8.72
N ALA A 259 6.55 -23.77 -7.60
CA ALA A 259 7.91 -23.96 -7.13
C ALA A 259 8.76 -24.69 -8.16
N GLN A 260 8.21 -25.75 -8.76
CA GLN A 260 8.97 -26.50 -9.75
C GLN A 260 9.26 -25.66 -10.99
N ILE A 261 8.29 -24.83 -11.39
CA ILE A 261 8.55 -23.93 -12.52
C ILE A 261 9.76 -23.05 -12.24
N GLU A 262 9.85 -22.53 -11.01
CA GLU A 262 10.98 -21.66 -10.69
C GLU A 262 12.29 -22.46 -10.60
N MET A 263 12.28 -23.59 -9.87
CA MET A 263 13.35 -24.60 -9.88
C MET A 263 13.94 -24.89 -11.25
N ALA A 264 13.07 -25.06 -12.23
CA ALA A 264 13.49 -25.57 -13.51
C ALA A 264 14.26 -24.53 -14.32
N ARG A 265 14.21 -23.25 -13.92
CA ARG A 265 14.88 -22.18 -14.65
C ARG A 265 16.39 -22.32 -14.63
N PHE A 266 16.93 -22.94 -13.59
CA PHE A 266 18.37 -23.06 -13.45
C PHE A 266 19.03 -23.72 -14.66
N SER A 267 20.21 -23.25 -15.03
CA SER A 267 20.96 -23.82 -16.14
C SER A 267 22.43 -23.82 -15.76
N ALA A 268 23.05 -25.00 -15.76
CA ALA A 268 24.40 -25.16 -15.25
C ALA A 268 25.45 -25.35 -16.33
N GLN A 269 25.10 -26.00 -17.43
CA GLN A 269 26.11 -26.52 -18.36
C GLN A 269 26.89 -25.39 -19.01
N GLU A 270 28.21 -25.47 -18.94
CA GLU A 270 29.07 -24.48 -19.56
C GLU A 270 30.05 -25.15 -20.51
N ARG A 271 30.65 -24.30 -21.34
CA ARG A 271 31.59 -24.66 -22.39
C ARG A 271 32.98 -24.24 -21.93
N GLU A 272 33.97 -25.13 -22.11
CA GLU A 272 35.37 -24.71 -22.01
C GLU A 272 35.74 -23.96 -23.29
N LYS A 273 36.72 -23.06 -23.18
CA LYS A 273 37.08 -22.24 -24.34
C LYS A 273 37.60 -23.10 -25.49
N ALA A 274 37.37 -22.59 -26.70
CA ALA A 274 37.64 -23.38 -27.90
C ALA A 274 39.12 -23.30 -28.27
N ALA A 275 39.48 -23.87 -29.41
CA ALA A 275 40.89 -23.99 -29.78
C ALA A 275 41.50 -22.64 -30.12
N ARG A 276 42.77 -22.47 -29.74
CA ARG A 276 43.63 -21.46 -30.33
C ARG A 276 44.04 -21.92 -31.72
N ARG A 277 44.13 -20.96 -32.64
CA ARG A 277 44.67 -21.20 -33.98
C ARG A 277 45.65 -20.07 -34.26
N PRO A 278 46.80 -20.06 -33.58
CA PRO A 278 47.69 -18.89 -33.68
C PRO A 278 48.14 -18.57 -35.09
N LYS A 279 48.30 -19.59 -35.96
CA LYS A 279 48.74 -19.35 -37.33
C LYS A 279 47.63 -18.72 -38.17
N LEU A 280 46.40 -19.19 -38.00
CA LEU A 280 45.25 -18.55 -38.66
C LEU A 280 45.08 -17.11 -38.19
N ALA A 281 45.12 -16.89 -36.87
CA ALA A 281 44.99 -15.53 -36.34
C ALA A 281 46.07 -14.61 -36.90
N ALA A 282 47.33 -15.09 -36.91
CA ALA A 282 48.42 -14.32 -37.51
C ALA A 282 48.15 -14.03 -38.99
N ALA A 283 47.64 -15.01 -39.72
CA ALA A 283 47.37 -14.78 -41.14
C ALA A 283 46.31 -13.71 -41.36
N LEU A 284 45.28 -13.70 -40.52
CA LEU A 284 44.25 -12.66 -40.60
C LEU A 284 44.83 -11.29 -40.25
N GLU A 285 45.65 -11.22 -39.21
CA GLU A 285 46.24 -9.94 -38.76
C GLU A 285 47.12 -9.31 -39.84
N HIS A 286 47.85 -10.12 -40.59
CA HIS A 286 48.70 -9.61 -41.67
C HIS A 286 47.96 -9.46 -42.99
N HIS A 287 46.70 -9.03 -42.93
CA HIS A 287 45.99 -8.69 -44.15
C HIS A 287 46.73 -7.59 -44.90
N HIS A 288 46.58 -7.58 -46.22
CA HIS A 288 47.20 -6.54 -47.05
C HIS A 288 46.59 -5.16 -46.77
N HIS A 289 47.36 -4.13 -47.11
CA HIS A 289 46.98 -2.75 -46.81
C HIS A 289 46.44 -2.03 -48.05
N MET B 1 33.19 1.98 13.02
CA MET B 1 32.25 1.17 13.80
C MET B 1 30.84 1.73 13.79
N ARG B 2 29.88 0.82 13.76
CA ARG B 2 28.46 1.12 13.78
C ARG B 2 27.88 0.68 15.12
N TYR B 3 26.70 1.21 15.45
CA TYR B 3 26.10 0.95 16.77
C TYR B 3 24.62 0.67 16.59
N ARG B 4 24.13 -0.34 17.30
CA ARG B 4 22.73 -0.77 17.28
C ARG B 4 22.14 -0.64 18.68
N PRO B 5 20.83 -0.46 18.79
CA PRO B 5 20.20 -0.59 20.12
C PRO B 5 20.27 -2.04 20.58
N PHE B 6 20.56 -2.22 21.87
CA PHE B 6 20.58 -3.55 22.48
C PHE B 6 19.16 -3.84 22.98
N GLY B 7 18.36 -4.46 22.13
CA GLY B 7 17.02 -4.81 22.57
C GLY B 7 16.30 -3.55 23.01
N SER B 8 15.65 -3.65 24.16
CA SER B 8 14.94 -2.53 24.74
C SER B 8 15.62 -2.00 25.99
N THR B 9 16.95 -2.17 26.08
CA THR B 9 17.70 -1.61 27.21
C THR B 9 17.97 -0.12 27.09
N GLY B 10 17.80 0.48 25.92
CA GLY B 10 18.25 1.84 25.75
C GLY B 10 19.75 2.03 25.65
N VAL B 11 20.55 0.97 25.57
CA VAL B 11 21.99 1.10 25.49
C VAL B 11 22.42 0.76 24.07
N ALA B 12 23.30 1.58 23.50
CA ALA B 12 23.79 1.34 22.15
C ALA B 12 25.04 0.46 22.23
N VAL B 13 25.08 -0.60 21.42
CA VAL B 13 26.24 -1.49 21.42
C VAL B 13 26.88 -1.46 20.05
N SER B 14 28.21 -1.57 20.04
CA SER B 14 28.93 -1.75 18.78
C SER B 14 28.45 -3.02 18.06
N ALA B 15 28.54 -2.99 16.72
CA ALA B 15 28.12 -4.14 15.91
C ALA B 15 28.90 -5.40 16.27
N LEU B 16 30.10 -5.27 16.84
CA LEU B 16 30.86 -6.40 17.32
C LEU B 16 30.91 -6.39 18.85
N THR B 17 30.85 -7.59 19.44
CA THR B 17 31.08 -7.79 20.86
C THR B 17 32.33 -8.64 20.98
N LEU B 18 33.32 -8.16 21.75
CA LEU B 18 34.57 -8.89 21.92
C LEU B 18 34.41 -9.84 23.11
N ARG B 19 34.57 -11.13 22.84
CA ARG B 19 34.60 -12.14 23.89
C ARG B 19 36.01 -12.27 24.44
N LEU B 20 36.15 -12.23 25.76
CA LEU B 20 37.42 -12.45 26.41
C LEU B 20 37.34 -13.79 27.10
N ALA B 21 38.20 -14.74 26.72
CA ALA B 21 38.13 -16.05 27.35
C ALA B 21 39.53 -16.47 27.80
N ASP B 22 39.59 -17.36 28.78
CA ASP B 22 40.86 -17.70 29.37
C ASP B 22 41.84 -18.14 28.29
N ASN B 23 43.06 -17.61 28.39
CA ASN B 23 44.17 -17.97 27.50
C ASN B 23 45.41 -17.97 28.39
N PRO B 24 45.93 -19.14 28.78
CA PRO B 24 47.01 -19.18 29.79
C PRO B 24 48.30 -18.53 29.31
N ARG B 25 48.44 -18.31 27.99
CA ARG B 25 49.61 -17.60 27.49
C ARG B 25 49.54 -16.11 27.82
N LEU B 26 48.34 -15.53 27.93
CA LEU B 26 48.18 -14.11 28.16
C LEU B 26 48.35 -13.75 29.63
N ARG B 27 49.00 -12.61 29.88
CA ARG B 27 49.08 -12.04 31.21
C ARG B 27 48.17 -10.82 31.25
N ALA B 28 48.13 -10.18 32.42
CA ALA B 28 47.13 -9.12 32.65
C ALA B 28 47.28 -7.98 31.64
N ASN B 29 48.52 -7.56 31.37
CA ASN B 29 48.69 -6.41 30.47
C ASN B 29 48.33 -6.74 29.04
N ASP B 30 48.43 -8.01 28.63
CA ASP B 30 47.92 -8.40 27.33
C ASP B 30 46.39 -8.23 27.27
N TRP B 31 45.68 -8.62 28.32
CA TRP B 31 44.24 -8.46 28.35
C TRP B 31 43.84 -6.99 28.32
N ARG B 32 44.52 -6.19 29.15
CA ARG B 32 44.27 -4.75 29.14
C ARG B 32 44.50 -4.16 27.75
N ALA B 33 45.58 -4.59 27.06
CA ALA B 33 45.86 -4.05 25.73
C ALA B 33 44.86 -4.55 24.67
N LEU B 34 44.37 -5.78 24.81
CA LEU B 34 43.33 -6.28 23.91
C LEU B 34 42.08 -5.42 24.01
N VAL B 35 41.65 -5.14 25.24
CA VAL B 35 40.47 -4.30 25.42
C VAL B 35 40.73 -2.87 24.95
N PHE B 36 41.90 -2.31 25.28
CA PHE B 36 42.28 -0.99 24.76
C PHE B 36 42.17 -0.93 23.25
N THR B 37 42.69 -1.95 22.57
CA THR B 37 42.61 -1.98 21.10
C THR B 37 41.17 -2.02 20.63
N ALA B 38 40.35 -2.84 21.27
CA ALA B 38 38.95 -2.90 20.90
C ALA B 38 38.30 -1.52 21.07
N LEU B 39 38.56 -0.86 22.20
CA LEU B 39 38.01 0.48 22.43
C LEU B 39 38.47 1.46 21.35
N GLU B 40 39.73 1.33 20.92
CA GLU B 40 40.26 2.22 19.91
C GLU B 40 39.65 1.92 18.54
N ASN B 41 39.05 0.74 18.37
CA ASN B 41 38.30 0.46 17.16
C ASN B 41 36.80 0.61 17.36
N GLY B 42 36.38 1.26 18.44
CA GLY B 42 34.98 1.58 18.62
C GLY B 42 34.15 0.49 19.27
N VAL B 43 34.76 -0.60 19.72
CA VAL B 43 34.02 -1.68 20.38
C VAL B 43 33.73 -1.26 21.83
N ASN B 44 32.44 -1.24 22.22
CA ASN B 44 32.10 -0.95 23.61
C ASN B 44 31.40 -2.12 24.29
N SER B 45 31.21 -3.24 23.60
CA SER B 45 30.48 -4.38 24.15
C SER B 45 31.48 -5.51 24.38
N PHE B 46 31.55 -6.01 25.61
CA PHE B 46 32.53 -7.04 25.98
C PHE B 46 31.83 -8.18 26.69
N GLN B 47 32.27 -9.40 26.39
CA GLN B 47 31.70 -10.57 27.05
C GLN B 47 32.82 -11.32 27.74
N ILE B 48 32.76 -11.40 29.06
CA ILE B 48 33.80 -12.07 29.83
C ILE B 48 33.41 -13.54 29.90
N ASP B 49 34.23 -14.41 29.32
CA ASP B 49 33.94 -15.83 29.27
C ASP B 49 35.12 -16.59 29.89
N GLY B 50 35.51 -16.21 31.08
CA GLY B 50 36.67 -16.79 31.75
C GLY B 50 36.82 -16.09 33.09
N ASP B 51 37.58 -16.73 33.99
CA ASP B 51 37.71 -16.04 35.26
C ASP B 51 39.11 -16.12 35.85
N ALA B 52 40.13 -16.39 35.02
CA ALA B 52 41.49 -16.40 35.53
C ALA B 52 41.82 -15.03 36.13
N PRO B 53 42.52 -14.98 37.28
CA PRO B 53 42.87 -13.69 37.89
C PRO B 53 43.53 -12.70 36.95
N GLU B 54 44.38 -13.15 36.03
CA GLU B 54 45.06 -12.20 35.14
C GLU B 54 44.06 -11.60 34.14
N LEU B 55 43.11 -12.41 33.66
CA LEU B 55 42.06 -11.91 32.77
C LEU B 55 41.24 -10.84 33.48
N LEU B 56 40.77 -11.15 34.69
CA LEU B 56 39.95 -10.16 35.41
C LEU B 56 40.74 -8.91 35.71
N LYS B 57 42.01 -9.05 36.09
CA LYS B 57 42.80 -7.87 36.44
C LYS B 57 42.97 -6.94 35.24
N GLY B 58 43.41 -7.49 34.10
CA GLY B 58 43.67 -6.66 32.94
C GLY B 58 42.40 -6.10 32.32
N ALA B 59 41.37 -6.95 32.17
CA ALA B 59 40.10 -6.46 31.65
C ALA B 59 39.52 -5.39 32.56
N GLY B 60 39.55 -5.62 33.89
CA GLY B 60 38.96 -4.64 34.79
C GLY B 60 39.68 -3.31 34.72
N GLU B 61 41.01 -3.36 34.58
CA GLU B 61 41.76 -2.12 34.50
C GLU B 61 41.45 -1.38 33.20
N ALA B 62 41.26 -2.11 32.08
CA ALA B 62 40.89 -1.40 30.86
C ALA B 62 39.48 -0.83 30.94
N PHE B 63 38.53 -1.61 31.47
CA PHE B 63 37.17 -1.08 31.59
C PHE B 63 37.15 0.20 32.41
N ALA B 64 38.02 0.29 33.42
CA ALA B 64 38.05 1.46 34.27
C ALA B 64 38.53 2.71 33.53
N SER B 65 39.06 2.56 32.33
CA SER B 65 39.64 3.68 31.59
C SER B 65 38.61 4.52 30.86
N VAL B 66 37.34 4.10 30.83
CA VAL B 66 36.28 4.91 30.24
C VAL B 66 35.15 4.97 31.25
N GLU B 67 34.27 5.93 31.07
CA GLU B 67 33.12 6.02 31.95
C GLU B 67 32.22 4.79 31.75
N ARG B 68 31.70 4.28 32.87
CA ARG B 68 31.07 2.97 32.91
C ARG B 68 29.91 2.85 31.93
N HIS B 69 29.06 3.87 31.84
CA HIS B 69 27.88 3.75 31.01
C HIS B 69 28.20 3.67 29.52
N LEU B 70 29.43 3.97 29.10
CA LEU B 70 29.79 3.85 27.69
C LEU B 70 29.98 2.39 27.27
N LEU B 71 30.20 1.50 28.23
CA LEU B 71 30.43 0.08 28.00
C LEU B 71 29.17 -0.75 28.23
N PHE B 72 29.07 -1.87 27.51
CA PHE B 72 28.08 -2.90 27.80
C PHE B 72 28.82 -4.17 28.19
N LEU B 73 28.65 -4.60 29.44
CA LEU B 73 29.46 -5.69 30.01
C LEU B 73 28.56 -6.88 30.30
N THR B 74 28.83 -7.98 29.60
CA THR B 74 28.13 -9.24 29.78
C THR B 74 29.08 -10.24 30.45
N TRP B 75 28.61 -10.91 31.49
CA TRP B 75 29.32 -12.06 32.04
C TRP B 75 28.69 -13.36 31.54
N ARG B 76 29.51 -14.22 30.93
CA ARG B 76 29.01 -15.49 30.42
C ARG B 76 29.18 -16.55 31.51
N LEU B 77 28.07 -17.12 31.96
CA LEU B 77 28.05 -18.08 33.07
C LEU B 77 27.64 -19.43 32.48
N ARG B 78 28.61 -20.32 32.32
CA ARG B 78 28.30 -21.60 31.69
C ARG B 78 27.93 -22.62 32.75
N GLY B 79 27.88 -23.90 32.36
CA GLY B 79 27.49 -24.98 33.24
C GLY B 79 26.00 -25.24 33.16
N ASP B 80 25.60 -26.35 33.76
CA ASP B 80 24.21 -26.76 33.74
C ASP B 80 23.40 -25.78 34.58
N ALA B 81 22.60 -24.95 33.89
CA ALA B 81 21.81 -23.91 34.55
C ALA B 81 20.90 -24.48 35.63
N LYS B 82 20.49 -25.73 35.50
CA LYS B 82 19.63 -26.36 36.48
C LYS B 82 20.37 -26.65 37.79
N GLN B 83 21.69 -26.52 37.80
CA GLN B 83 22.49 -26.80 38.99
C GLN B 83 23.07 -25.55 39.62
N LEU B 84 22.66 -24.36 39.17
CA LEU B 84 23.15 -23.11 39.74
C LEU B 84 22.47 -22.82 41.08
N GLY B 85 23.18 -22.11 41.95
CA GLY B 85 22.64 -21.77 43.24
C GLY B 85 23.40 -20.66 43.92
N PRO B 86 23.21 -20.54 45.24
CA PRO B 86 23.80 -19.40 45.98
C PRO B 86 25.31 -19.36 45.90
N HIS B 87 25.95 -20.53 45.88
CA HIS B 87 27.40 -20.58 45.72
C HIS B 87 27.83 -20.04 44.37
N THR B 88 27.03 -20.31 43.35
CA THR B 88 27.27 -19.70 42.04
C THR B 88 27.29 -18.19 42.16
N LEU B 89 26.29 -17.64 42.84
CA LEU B 89 26.19 -16.19 42.93
C LEU B 89 27.32 -15.63 43.78
N ASP B 90 27.75 -16.35 44.81
CA ASP B 90 28.91 -15.90 45.56
C ASP B 90 30.14 -15.86 44.65
N ALA B 91 30.28 -16.88 43.79
CA ALA B 91 31.46 -16.86 42.92
C ALA B 91 31.37 -15.70 41.93
N LEU B 92 30.17 -15.48 41.38
CA LEU B 92 29.95 -14.36 40.47
C LEU B 92 30.28 -13.03 41.14
N LYS B 93 29.90 -12.86 42.41
CA LYS B 93 30.24 -11.64 43.13
C LYS B 93 31.76 -11.47 43.26
N ARG B 94 32.47 -12.53 43.60
CA ARG B 94 33.92 -12.41 43.68
C ARG B 94 34.53 -12.02 42.34
N SER B 95 34.12 -12.73 41.27
CA SER B 95 34.82 -12.59 40.00
C SER B 95 34.43 -11.32 39.26
N ALA B 96 33.13 -11.11 39.11
CA ALA B 96 32.64 -10.01 38.30
C ALA B 96 32.72 -8.70 39.05
N PHE B 97 32.34 -8.70 40.33
CA PHE B 97 32.28 -7.42 41.01
C PHE B 97 33.56 -7.07 41.74
N GLU B 98 34.25 -8.04 42.36
CA GLU B 98 35.58 -7.73 42.90
C GLU B 98 36.65 -7.86 41.83
N GLY B 99 36.65 -8.96 41.08
CA GLY B 99 37.72 -9.19 40.12
C GLY B 99 37.76 -8.12 39.04
N LEU B 100 36.60 -7.79 38.47
CA LEU B 100 36.55 -6.77 37.42
C LEU B 100 36.32 -5.36 37.99
N SER B 101 36.17 -5.22 39.31
CA SER B 101 35.97 -3.92 39.96
C SER B 101 34.73 -3.20 39.44
N LEU B 102 33.66 -3.96 39.20
CA LEU B 102 32.41 -3.38 38.71
C LEU B 102 31.44 -3.14 39.86
N ASP B 103 30.58 -2.11 39.69
CA ASP B 103 29.40 -1.96 40.53
C ASP B 103 28.19 -2.69 39.95
N TYR B 104 28.11 -2.81 38.63
CA TYR B 104 27.00 -3.53 38.04
C TYR B 104 27.43 -4.20 36.75
N LEU B 105 26.76 -5.29 36.43
CA LEU B 105 26.84 -5.98 35.14
C LEU B 105 25.62 -5.63 34.34
N ASP B 106 25.82 -5.40 33.04
CA ASP B 106 24.67 -5.19 32.18
C ASP B 106 23.91 -6.47 31.92
N LEU B 107 24.59 -7.61 31.87
CA LEU B 107 23.92 -8.81 31.42
C LEU B 107 24.65 -10.01 31.96
N LEU B 108 23.90 -10.97 32.49
CA LEU B 108 24.42 -12.28 32.90
C LEU B 108 23.85 -13.27 31.89
N LEU B 109 24.71 -13.89 31.09
CA LEU B 109 24.26 -14.76 30.00
C LEU B 109 24.45 -16.22 30.40
N ILE B 110 23.35 -16.93 30.67
CA ILE B 110 23.44 -18.29 31.19
C ILE B 110 23.08 -19.29 30.09
N ASN B 111 23.42 -20.56 30.33
CA ASN B 111 22.99 -21.62 29.42
C ASN B 111 21.49 -21.85 29.54
N ASP B 112 20.90 -22.23 28.42
CA ASP B 112 19.50 -22.62 28.36
C ASP B 112 19.29 -23.82 29.29
N PRO B 113 18.48 -23.70 30.34
CA PRO B 113 18.18 -24.87 31.19
C PRO B 113 17.29 -25.90 30.54
N GLN B 114 16.79 -25.64 29.32
CA GLN B 114 15.84 -26.54 28.67
C GLN B 114 14.67 -26.80 29.59
N SER B 115 14.17 -25.73 30.18
CA SER B 115 13.07 -25.77 31.13
C SER B 115 12.42 -24.40 31.12
N ALA B 116 11.16 -24.34 31.57
CA ALA B 116 10.55 -23.03 31.72
C ALA B 116 11.03 -22.28 32.99
N SER B 117 11.72 -22.94 33.91
CA SER B 117 12.08 -22.28 35.15
C SER B 117 13.55 -22.49 35.52
N LEU B 118 14.00 -21.65 36.44
CA LEU B 118 15.33 -21.64 37.05
C LEU B 118 15.23 -22.18 38.46
N PRO B 119 16.33 -22.70 39.03
CA PRO B 119 16.31 -23.11 40.45
C PRO B 119 15.93 -21.93 41.33
N MET B 120 15.20 -22.23 42.41
CA MET B 120 14.56 -21.15 43.17
C MET B 120 15.57 -20.27 43.86
N ALA B 121 16.58 -20.86 44.51
CA ALA B 121 17.52 -20.04 45.27
C ALA B 121 18.34 -19.17 44.32
N PHE B 122 18.70 -19.73 43.16
CA PHE B 122 19.42 -18.93 42.18
C PHE B 122 18.57 -17.76 41.69
N GLU B 123 17.32 -18.04 41.31
CA GLU B 123 16.48 -16.96 40.80
C GLU B 123 16.22 -15.91 41.88
N SER B 124 16.04 -16.35 43.12
CA SER B 124 15.88 -15.38 44.20
C SER B 124 17.12 -14.50 44.34
N GLY B 125 18.31 -15.09 44.22
CA GLY B 125 19.52 -14.30 44.29
C GLY B 125 19.62 -13.31 43.13
N LEU B 126 19.21 -13.75 41.93
CA LEU B 126 19.17 -12.86 40.77
C LEU B 126 18.25 -11.67 41.02
N GLN B 127 17.05 -11.96 41.54
CA GLN B 127 16.13 -10.87 41.87
C GLN B 127 16.77 -9.89 42.85
N ASP B 128 17.48 -10.40 43.86
CA ASP B 128 18.17 -9.52 44.80
C ASP B 128 19.17 -8.62 44.09
N LEU B 129 19.99 -9.19 43.21
CA LEU B 129 20.97 -8.39 42.47
C LEU B 129 20.29 -7.35 41.58
N GLN B 130 19.14 -7.69 41.04
CA GLN B 130 18.46 -6.77 40.14
C GLN B 130 17.86 -5.61 40.93
N LYS B 131 17.25 -5.92 42.07
CA LYS B 131 16.69 -4.84 42.87
C LYS B 131 17.78 -3.93 43.45
N GLY B 132 18.97 -4.48 43.71
CA GLY B 132 20.12 -3.68 44.08
C GLY B 132 20.82 -2.94 42.95
N ARG B 133 20.32 -3.08 41.71
CA ARG B 133 20.88 -2.49 40.49
C ARG B 133 22.27 -3.03 40.17
N ALA B 134 22.66 -4.12 40.80
CA ALA B 134 23.93 -4.77 40.47
C ALA B 134 23.86 -5.64 39.22
N LEU B 135 22.68 -6.13 38.84
CA LEU B 135 22.54 -6.90 37.60
C LEU B 135 21.40 -6.33 36.79
N ARG B 136 21.67 -5.93 35.56
CA ARG B 136 20.65 -5.21 34.80
C ARG B 136 19.79 -6.12 33.92
N GLY B 137 20.22 -7.34 33.64
CA GLY B 137 19.39 -8.25 32.90
C GLY B 137 19.99 -9.64 32.87
N LEU B 138 19.14 -10.61 32.57
CA LEU B 138 19.54 -11.99 32.36
C LEU B 138 19.34 -12.36 30.89
N GLY B 139 20.32 -13.04 30.29
CA GLY B 139 20.19 -13.54 28.95
C GLY B 139 20.31 -15.05 28.92
N VAL B 140 19.78 -15.68 27.88
CA VAL B 140 19.81 -17.14 27.71
C VAL B 140 20.51 -17.46 26.39
N ALA B 141 21.56 -18.24 26.47
CA ALA B 141 22.27 -18.73 25.28
C ALA B 141 21.70 -20.08 24.88
N SER B 142 21.36 -20.25 23.61
CA SER B 142 20.79 -21.52 23.20
C SER B 142 21.15 -21.81 21.76
N ARG B 143 21.20 -23.11 21.41
CA ARG B 143 21.28 -23.50 20.01
C ARG B 143 19.99 -24.17 19.55
N GLY B 144 18.92 -24.05 20.32
CA GLY B 144 17.63 -24.57 19.90
C GLY B 144 16.52 -23.62 20.29
N ASP B 145 15.35 -24.16 20.55
CA ASP B 145 14.21 -23.35 20.92
C ASP B 145 14.13 -23.23 22.43
N ILE B 146 14.17 -21.98 22.93
CA ILE B 146 14.08 -21.73 24.38
C ILE B 146 12.61 -21.77 24.78
N ASP B 147 12.33 -22.37 25.93
CA ASP B 147 10.97 -22.43 26.44
C ASP B 147 10.39 -21.03 26.57
N PRO B 148 9.23 -20.74 25.95
CA PRO B 148 8.67 -19.39 26.07
C PRO B 148 8.34 -19.02 27.50
N GLY B 149 8.08 -20.01 28.37
CA GLY B 149 7.86 -19.70 29.77
C GLY B 149 9.08 -19.11 30.45
N LEU B 150 10.28 -19.51 30.00
CA LEU B 150 11.49 -18.92 30.55
C LEU B 150 11.73 -17.52 30.00
N LEU B 151 11.50 -17.33 28.70
CA LEU B 151 11.67 -16.01 28.10
C LEU B 151 10.69 -15.00 28.70
N ALA B 152 9.52 -15.47 29.13
CA ALA B 152 8.53 -14.58 29.75
C ALA B 152 8.94 -14.10 31.12
N ASN B 153 9.93 -14.75 31.74
CA ASN B 153 10.46 -14.31 33.02
C ASN B 153 10.90 -12.86 32.94
N ASP B 154 10.46 -12.05 33.91
CA ASP B 154 10.77 -10.63 33.85
C ASP B 154 12.26 -10.35 33.84
N LEU B 155 13.07 -11.25 34.41
CA LEU B 155 14.52 -11.05 34.41
C LEU B 155 15.13 -11.15 33.01
N VAL B 156 14.52 -11.96 32.14
CA VAL B 156 15.17 -12.31 30.87
C VAL B 156 14.94 -11.18 29.87
N THR B 157 16.03 -10.58 29.41
CA THR B 157 16.02 -9.47 28.48
C THR B 157 16.74 -9.76 27.16
N ALA B 158 17.49 -10.84 27.07
CA ALA B 158 18.35 -11.07 25.91
C ALA B 158 18.49 -12.56 25.65
N VAL B 159 18.83 -12.90 24.41
CA VAL B 159 19.13 -14.27 24.04
C VAL B 159 20.40 -14.25 23.19
N SER B 160 21.10 -15.37 23.17
CA SER B 160 22.27 -15.51 22.30
C SER B 160 22.05 -16.75 21.45
N SER B 161 22.31 -16.66 20.15
CA SER B 161 22.02 -17.76 19.24
C SER B 161 23.02 -17.80 18.08
N PRO B 162 23.25 -18.97 17.49
CA PRO B 162 24.16 -19.00 16.33
C PRO B 162 23.48 -18.47 15.08
N TYR B 163 24.30 -17.81 14.25
CA TYR B 163 23.81 -17.36 12.95
C TYR B 163 25.00 -17.13 12.04
N ASN B 164 24.95 -17.75 10.85
CA ASN B 164 26.00 -17.62 9.87
C ASN B 164 25.37 -17.74 8.49
N LEU B 165 26.19 -17.53 7.46
CA LEU B 165 25.64 -17.51 6.12
C LEU B 165 25.17 -18.89 5.66
N SER B 166 25.42 -19.95 6.43
CA SER B 166 24.81 -21.23 6.05
C SER B 166 23.74 -21.68 7.05
N SER B 167 23.27 -20.77 7.90
CA SER B 167 22.12 -21.08 8.74
C SER B 167 20.86 -21.17 7.91
N GLY B 168 19.93 -22.00 8.36
CA GLY B 168 18.62 -22.10 7.75
C GLY B 168 17.55 -21.28 8.44
N TRP B 169 16.31 -21.50 7.99
CA TRP B 169 15.21 -20.65 8.44
C TRP B 169 14.78 -20.93 9.87
N ALA B 170 15.03 -22.13 10.41
CA ALA B 170 14.72 -22.32 11.84
C ALA B 170 15.56 -21.40 12.72
N GLU B 171 16.88 -21.38 12.48
CA GLU B 171 17.77 -20.49 13.24
C GLU B 171 17.43 -19.03 13.00
N ARG B 172 17.11 -18.68 11.73
CA ARG B 172 16.80 -17.29 11.38
C ARG B 172 15.50 -16.85 12.03
N HIS B 173 14.52 -17.76 12.09
CA HIS B 173 13.24 -17.48 12.71
C HIS B 173 13.41 -17.27 14.21
N ARG B 174 14.31 -18.04 14.83
CA ARG B 174 14.52 -17.84 16.27
C ARG B 174 15.01 -16.44 16.56
N ILE B 175 16.01 -15.97 15.81
CA ILE B 175 16.55 -14.65 16.13
C ILE B 175 15.55 -13.56 15.75
N ARG B 176 14.84 -13.73 14.62
CA ARG B 176 13.92 -12.67 14.22
C ARG B 176 12.73 -12.59 15.15
N GLN B 177 12.21 -13.73 15.59
CA GLN B 177 11.09 -13.67 16.52
C GLN B 177 11.50 -13.05 17.85
N ALA B 178 12.71 -13.41 18.35
CA ALA B 178 13.15 -12.82 19.61
C ALA B 178 13.30 -11.31 19.49
N SER B 179 13.90 -10.85 18.39
CA SER B 179 14.06 -9.41 18.19
C SER B 179 12.70 -8.73 18.05
N GLN B 180 11.76 -9.34 17.30
CA GLN B 180 10.45 -8.71 17.15
C GLN B 180 9.69 -8.64 18.48
N ASN B 181 10.01 -9.50 19.42
CA ASN B 181 9.42 -9.44 20.75
C ASN B 181 10.28 -8.64 21.74
N ASN B 182 11.23 -7.84 21.22
CA ASN B 182 11.99 -6.85 21.97
C ASN B 182 13.06 -7.46 22.88
N PHE B 183 13.48 -8.68 22.60
CA PHE B 183 14.70 -9.20 23.22
C PHE B 183 15.90 -8.72 22.44
N ALA B 184 16.95 -8.36 23.14
CA ALA B 184 18.23 -8.17 22.50
C ALA B 184 18.78 -9.52 22.06
N VAL B 185 19.32 -9.59 20.85
CA VAL B 185 19.89 -10.84 20.33
C VAL B 185 21.38 -10.65 20.06
N ILE B 186 22.20 -11.51 20.65
CA ILE B 186 23.64 -11.59 20.39
C ILE B 186 23.87 -12.75 19.43
N GLY B 187 24.43 -12.46 18.25
CA GLY B 187 24.78 -13.52 17.31
C GLY B 187 26.07 -14.20 17.70
N GLU B 188 26.05 -15.53 17.63
CA GLU B 188 27.23 -16.34 17.92
C GLU B 188 27.61 -17.13 16.68
N ASP B 189 28.84 -17.65 16.66
CA ASP B 189 29.27 -18.63 15.66
C ASP B 189 29.04 -18.16 14.22
N PHE B 190 29.48 -16.94 13.94
CA PHE B 190 29.40 -16.47 12.56
C PHE B 190 30.38 -17.25 11.67
N TRP B 191 31.40 -17.87 12.25
CA TRP B 191 32.47 -18.52 11.50
C TRP B 191 32.75 -19.89 12.09
N PRO B 192 31.75 -20.78 12.09
CA PRO B 192 31.93 -22.09 12.76
C PRO B 192 32.85 -23.01 11.98
N GLN B 193 33.41 -24.02 12.68
CA GLN B 193 34.36 -24.93 12.03
C GLN B 193 33.75 -25.57 10.78
N ALA B 194 32.48 -26.00 10.85
CA ALA B 194 31.87 -26.65 9.68
C ALA B 194 31.94 -25.75 8.45
N LEU B 195 31.74 -24.45 8.65
CA LEU B 195 31.79 -23.50 7.55
C LEU B 195 33.21 -23.28 7.06
N ARG B 196 34.20 -23.33 7.96
CA ARG B 196 35.59 -23.24 7.53
C ARG B 196 35.95 -24.43 6.63
N GLU B 197 35.38 -25.61 6.91
CA GLU B 197 35.64 -26.75 6.03
C GLU B 197 34.91 -26.61 4.70
N LEU B 198 33.67 -26.13 4.73
CA LEU B 198 32.93 -25.91 3.50
C LEU B 198 33.62 -24.88 2.60
N ALA B 199 34.25 -23.86 3.20
CA ALA B 199 34.89 -22.81 2.41
C ALA B 199 36.04 -23.36 1.59
N ASP B 200 36.60 -24.49 1.97
CA ASP B 200 37.75 -25.02 1.25
C ASP B 200 37.35 -25.91 0.09
N VAL B 201 36.26 -26.66 0.22
CA VAL B 201 35.88 -27.68 -0.76
C VAL B 201 34.36 -27.65 -0.93
N GLY B 202 33.89 -27.38 -2.15
CA GLY B 202 32.49 -27.56 -2.50
C GLY B 202 31.82 -26.27 -2.93
N GLY B 203 30.51 -26.22 -2.72
CA GLY B 203 29.70 -25.09 -3.16
C GLY B 203 30.06 -23.76 -2.51
N TYR B 204 30.71 -23.79 -1.35
CA TYR B 204 31.10 -22.55 -0.67
C TYR B 204 32.53 -22.14 -0.98
N GLU B 205 33.16 -22.76 -1.98
CA GLU B 205 34.54 -22.43 -2.33
C GLU B 205 34.74 -20.99 -2.73
N PHE B 206 33.68 -20.31 -3.21
CA PHE B 206 33.80 -18.88 -3.48
C PHE B 206 34.24 -18.10 -2.26
N LEU B 207 34.03 -18.65 -1.04
CA LEU B 207 34.43 -17.91 0.15
C LEU B 207 35.94 -17.70 0.20
N THR B 208 36.71 -18.61 -0.41
CA THR B 208 38.16 -18.49 -0.44
C THR B 208 38.68 -18.05 -1.80
N ASN B 209 37.81 -17.58 -2.68
CA ASN B 209 38.20 -17.20 -4.03
C ASN B 209 37.56 -15.88 -4.44
N THR B 210 37.29 -15.00 -3.48
CA THR B 210 36.68 -13.71 -3.76
C THR B 210 37.72 -12.62 -3.64
N PRO B 211 38.05 -11.93 -4.72
CA PRO B 211 39.11 -10.91 -4.65
C PRO B 211 38.81 -9.86 -3.59
N GLY B 212 39.83 -9.55 -2.77
CA GLY B 212 39.77 -8.52 -1.75
C GLY B 212 39.10 -8.92 -0.45
N TRP B 213 38.65 -10.16 -0.33
CA TRP B 213 37.93 -10.64 0.85
C TRP B 213 38.53 -11.95 1.32
N SER B 214 38.64 -12.12 2.65
CA SER B 214 38.86 -13.46 3.18
C SER B 214 37.52 -14.13 3.47
N ALA B 215 37.56 -15.45 3.61
CA ALA B 215 36.33 -16.18 3.92
C ALA B 215 35.76 -15.72 5.26
N GLU B 216 36.63 -15.53 6.26
CA GLU B 216 36.12 -15.09 7.56
C GLU B 216 35.44 -13.74 7.46
N ASP B 217 36.04 -12.80 6.72
CA ASP B 217 35.46 -11.47 6.59
C ASP B 217 34.12 -11.51 5.88
N ILE B 218 33.97 -12.40 4.88
CA ILE B 218 32.67 -12.54 4.22
C ILE B 218 31.62 -13.06 5.20
N CYS B 219 32.00 -14.06 6.02
CA CYS B 219 31.04 -14.60 6.98
C CYS B 219 30.64 -13.55 8.02
N LEU B 220 31.61 -12.72 8.45
CA LEU B 220 31.26 -11.63 9.35
C LEU B 220 30.39 -10.59 8.66
N GLY B 221 30.75 -10.17 7.44
CA GLY B 221 29.94 -9.17 6.75
C GLY B 221 28.50 -9.61 6.59
N TYR B 222 28.31 -10.91 6.31
CA TYR B 222 26.95 -11.40 6.17
C TYR B 222 26.21 -11.35 7.49
N ALA B 223 26.83 -11.81 8.58
CA ALA B 223 26.13 -11.72 9.86
C ALA B 223 25.80 -10.28 10.21
N LEU B 224 26.64 -9.33 9.80
CA LEU B 224 26.40 -7.94 10.09
C LEU B 224 25.23 -7.37 9.32
N THR B 225 24.80 -8.02 8.24
CA THR B 225 23.62 -7.52 7.54
C THR B 225 22.29 -8.01 8.14
N GLU B 226 22.32 -8.87 9.15
CA GLU B 226 21.09 -9.51 9.63
C GLU B 226 20.34 -8.57 10.57
N PRO B 227 19.11 -8.12 10.22
CA PRO B 227 18.43 -7.07 11.00
C PRO B 227 18.24 -7.40 12.48
N SER B 228 18.03 -8.66 12.82
CA SER B 228 17.62 -9.05 14.17
C SER B 228 18.78 -9.11 15.18
N LEU B 229 20.04 -9.07 14.75
CA LEU B 229 21.16 -9.19 15.68
C LEU B 229 21.54 -7.81 16.18
N ALA B 230 21.51 -7.61 17.50
CA ALA B 230 22.04 -6.38 18.07
C ALA B 230 23.53 -6.28 17.80
N THR B 231 24.25 -7.39 17.94
CA THR B 231 25.70 -7.39 17.93
C THR B 231 26.14 -8.83 17.61
N VAL B 232 27.34 -8.94 17.04
CA VAL B 232 27.94 -10.21 16.65
C VAL B 232 29.13 -10.46 17.55
N ARG B 233 29.11 -11.57 18.29
CA ARG B 233 30.25 -11.92 19.14
C ARG B 233 31.42 -12.44 18.30
N VAL B 234 32.61 -11.91 18.56
CA VAL B 234 33.84 -12.32 17.89
C VAL B 234 34.88 -12.56 19.00
N THR B 235 35.86 -13.44 18.72
CA THR B 235 37.00 -13.65 19.62
C THR B 235 38.26 -13.30 18.86
N ALA B 236 39.13 -12.52 19.49
CA ALA B 236 40.34 -12.07 18.83
C ALA B 236 41.44 -12.04 19.88
N ASP B 237 42.64 -12.49 19.52
CA ASP B 237 43.69 -12.58 20.55
C ASP B 237 44.91 -11.75 20.21
N ASN B 238 44.79 -10.80 19.28
CA ASN B 238 45.85 -9.84 19.05
C ASN B 238 45.26 -8.62 18.35
N ARG B 239 46.08 -7.58 18.23
CA ARG B 239 45.62 -6.32 17.66
C ARG B 239 45.20 -6.47 16.20
N GLN B 240 45.96 -7.24 15.42
CA GLN B 240 45.67 -7.32 14.00
C GLN B 240 44.29 -7.91 13.76
N GLU B 241 43.91 -8.90 14.58
CA GLU B 241 42.61 -9.55 14.44
C GLU B 241 41.47 -8.59 14.77
N ILE B 242 41.58 -7.87 15.89
CA ILE B 242 40.56 -6.86 16.23
C ILE B 242 40.43 -5.83 15.12
N GLU B 243 41.56 -5.35 14.58
CA GLU B 243 41.49 -4.31 13.55
C GLU B 243 40.79 -4.82 12.29
N ARG B 244 41.11 -6.03 11.87
CA ARG B 244 40.50 -6.60 10.67
C ARG B 244 38.99 -6.77 10.85
N LEU B 245 38.59 -7.35 11.98
CA LEU B 245 37.17 -7.59 12.21
C LEU B 245 36.40 -6.29 12.24
N ALA B 246 36.92 -5.30 12.97
CA ALA B 246 36.23 -4.01 13.05
C ALA B 246 36.16 -3.34 11.67
N ALA B 247 37.19 -3.52 10.84
CA ALA B 247 37.18 -2.96 9.50
C ALA B 247 36.01 -3.51 8.68
N VAL B 248 35.67 -4.80 8.88
CA VAL B 248 34.53 -5.38 8.13
C VAL B 248 33.24 -4.60 8.35
N VAL B 249 33.05 -4.02 9.53
CA VAL B 249 31.83 -3.28 9.81
C VAL B 249 31.59 -2.16 8.79
N GLU B 250 32.64 -1.59 8.22
CA GLU B 250 32.44 -0.45 7.34
C GLU B 250 32.46 -0.85 5.86
N ARG B 251 32.57 -2.13 5.56
CA ARG B 251 32.64 -2.58 4.17
C ARG B 251 31.27 -3.03 3.70
N ASP B 252 31.09 -3.07 2.37
CA ASP B 252 29.87 -3.55 1.75
C ASP B 252 30.17 -4.88 1.06
N LEU B 253 29.36 -5.90 1.34
CA LEU B 253 29.53 -7.15 0.64
C LEU B 253 29.23 -6.94 -0.84
N PRO B 254 30.04 -7.50 -1.73
CA PRO B 254 29.70 -7.50 -3.16
C PRO B 254 28.38 -8.23 -3.41
N THR B 255 27.58 -7.71 -4.35
CA THR B 255 26.29 -8.36 -4.61
C THR B 255 26.49 -9.74 -5.19
N GLY B 256 27.61 -9.98 -5.88
CA GLY B 256 27.87 -11.31 -6.40
C GLY B 256 28.14 -12.30 -5.30
N VAL B 257 28.74 -11.83 -4.20
CA VAL B 257 28.93 -12.70 -3.03
C VAL B 257 27.57 -13.06 -2.43
N CYS B 258 26.70 -12.05 -2.29
CA CYS B 258 25.35 -12.29 -1.78
C CYS B 258 24.59 -13.31 -2.62
N ALA B 259 24.70 -13.20 -3.95
CA ALA B 259 24.03 -14.17 -4.82
C ALA B 259 24.62 -15.56 -4.65
N GLN B 260 25.93 -15.65 -4.48
CA GLN B 260 26.53 -16.97 -4.28
C GLN B 260 26.10 -17.58 -2.95
N ILE B 261 25.96 -16.75 -1.91
CA ILE B 261 25.45 -17.25 -0.63
C ILE B 261 24.07 -17.87 -0.82
N GLU B 262 23.21 -17.21 -1.61
CA GLU B 262 21.86 -17.75 -1.83
C GLU B 262 21.89 -19.02 -2.71
N MET B 263 22.58 -18.96 -3.87
CA MET B 263 22.89 -20.15 -4.68
C MET B 263 23.30 -21.35 -3.88
N ALA B 264 24.18 -21.13 -2.89
CA ALA B 264 24.82 -22.25 -2.22
C ALA B 264 23.88 -23.04 -1.34
N ARG B 265 22.71 -22.48 -1.02
CA ARG B 265 21.80 -23.12 -0.07
C ARG B 265 21.21 -24.41 -0.64
N PHE B 266 21.10 -24.50 -1.96
CA PHE B 266 20.48 -25.64 -2.61
C PHE B 266 21.12 -26.95 -2.15
N SER B 267 20.28 -27.98 -1.98
CA SER B 267 20.75 -29.30 -1.58
C SER B 267 20.00 -30.34 -2.39
N ALA B 268 20.74 -31.23 -3.05
CA ALA B 268 20.13 -32.19 -3.96
C ALA B 268 20.09 -33.62 -3.42
N GLN B 269 21.16 -34.07 -2.74
CA GLN B 269 21.37 -35.49 -2.47
C GLN B 269 20.22 -36.14 -1.69
N GLU B 270 19.69 -37.24 -2.24
CA GLU B 270 18.62 -37.99 -1.61
C GLU B 270 19.08 -39.42 -1.36
N ARG B 271 18.28 -40.13 -0.58
CA ARG B 271 18.54 -41.52 -0.22
C ARG B 271 17.50 -42.41 -0.87
N GLU B 272 17.96 -43.50 -1.49
CA GLU B 272 17.04 -44.59 -1.79
C GLU B 272 16.58 -45.20 -0.47
N LYS B 273 15.37 -45.76 -0.48
CA LYS B 273 14.88 -46.38 0.75
C LYS B 273 15.78 -47.52 1.18
N ALA B 274 15.80 -47.75 2.50
CA ALA B 274 16.67 -48.73 3.11
C ALA B 274 16.07 -50.12 2.98
N ALA B 275 16.80 -51.12 3.44
CA ALA B 275 16.43 -52.50 3.20
C ALA B 275 15.22 -52.90 4.03
N ARG B 276 14.36 -53.70 3.41
CA ARG B 276 13.35 -54.40 4.19
C ARG B 276 14.04 -55.53 4.95
N ARG B 277 13.53 -55.83 6.13
CA ARG B 277 14.00 -56.98 6.90
C ARG B 277 12.78 -57.70 7.45
N PRO B 278 12.04 -58.39 6.59
CA PRO B 278 10.77 -58.99 7.03
C PRO B 278 10.96 -60.00 8.14
N LYS B 279 12.10 -60.70 8.16
CA LYS B 279 12.40 -61.63 9.25
C LYS B 279 12.52 -60.90 10.58
N LEU B 280 13.25 -59.78 10.57
CA LEU B 280 13.44 -58.97 11.77
C LEU B 280 12.13 -58.32 12.19
N ALA B 281 11.42 -57.72 11.23
CA ALA B 281 10.15 -57.09 11.54
C ALA B 281 9.17 -58.11 12.12
N ALA B 282 9.23 -59.34 11.62
CA ALA B 282 8.31 -60.36 12.11
C ALA B 282 8.66 -60.81 13.52
N ALA B 283 9.95 -60.97 13.81
CA ALA B 283 10.34 -61.33 15.18
C ALA B 283 9.95 -60.25 16.18
N LEU B 284 10.13 -58.98 15.80
CA LEU B 284 9.70 -57.89 16.67
C LEU B 284 8.19 -57.87 16.85
N GLU B 285 7.45 -58.12 15.76
CA GLU B 285 5.98 -58.19 15.80
C GLU B 285 5.49 -59.21 16.82
N HIS B 286 6.14 -60.37 16.89
CA HIS B 286 5.72 -61.50 17.71
C HIS B 286 6.36 -61.52 19.09
N HIS B 287 6.59 -60.34 19.69
CA HIS B 287 7.06 -60.28 21.06
C HIS B 287 6.10 -61.00 21.99
N HIS B 288 6.64 -61.57 23.07
CA HIS B 288 5.81 -62.15 24.11
C HIS B 288 4.98 -61.07 24.80
N HIS B 289 3.90 -61.49 25.45
CA HIS B 289 2.98 -60.52 26.03
C HIS B 289 2.75 -60.77 27.51
N MET C 1 -0.55 9.42 15.00
CA MET C 1 0.68 9.95 15.59
C MET C 1 1.83 9.59 14.64
N ARG C 2 2.81 10.47 14.51
CA ARG C 2 4.08 10.16 13.85
C ARG C 2 5.18 10.25 14.89
N TYR C 3 6.30 9.61 14.61
CA TYR C 3 7.38 9.52 15.58
C TYR C 3 8.71 9.92 14.92
N ARG C 4 9.54 10.66 15.65
CA ARG C 4 10.83 11.16 15.22
C ARG C 4 11.98 10.57 16.05
N PRO C 5 13.17 10.42 15.48
CA PRO C 5 14.32 10.04 16.30
C PRO C 5 14.67 11.20 17.22
N PHE C 6 15.03 10.87 18.46
CA PHE C 6 15.39 11.90 19.44
C PHE C 6 16.91 12.08 19.42
N GLY C 7 17.36 13.03 18.60
CA GLY C 7 18.76 13.37 18.45
C GLY C 7 19.57 12.17 18.00
N SER C 8 20.80 12.10 18.49
CA SER C 8 21.69 11.03 18.08
C SER C 8 21.59 9.82 19.00
N THR C 9 20.71 9.86 19.99
CA THR C 9 20.60 8.80 20.98
C THR C 9 19.48 7.81 20.65
N GLY C 10 19.24 7.59 19.35
CA GLY C 10 18.32 6.56 18.87
C GLY C 10 16.83 6.83 18.96
N VAL C 11 16.33 6.77 20.21
CA VAL C 11 14.94 6.56 20.60
C VAL C 11 13.88 7.31 19.78
N ALA C 12 12.74 6.66 19.57
CA ALA C 12 11.61 7.26 18.88
C ALA C 12 10.75 8.03 19.87
N VAL C 13 10.36 9.26 19.51
CA VAL C 13 9.48 10.09 20.33
C VAL C 13 8.31 10.56 19.48
N SER C 14 7.15 10.63 20.10
CA SER C 14 5.99 11.17 19.39
C SER C 14 6.26 12.62 18.99
N ALA C 15 5.69 13.02 17.85
CA ALA C 15 5.83 14.40 17.37
C ALA C 15 5.33 15.40 18.40
N LEU C 16 4.40 15.00 19.26
CA LEU C 16 3.99 15.78 20.42
C LEU C 16 4.55 15.18 21.71
N THR C 17 5.02 16.06 22.59
CA THR C 17 5.37 15.73 23.97
C THR C 17 4.35 16.40 24.88
N LEU C 18 3.73 15.63 25.80
CA LEU C 18 2.74 16.20 26.71
C LEU C 18 3.40 16.61 28.02
N ARG C 19 3.24 17.89 28.33
CA ARG C 19 3.75 18.51 29.54
C ARG C 19 2.71 18.32 30.62
N LEU C 20 3.12 17.69 31.72
CA LEU C 20 2.26 17.54 32.90
C LEU C 20 2.76 18.51 33.97
N ALA C 21 1.90 19.46 34.37
CA ALA C 21 2.33 20.53 35.27
C ALA C 21 1.34 20.66 36.41
N ASP C 22 1.84 20.99 37.60
CA ASP C 22 1.00 21.17 38.79
C ASP C 22 -0.28 21.92 38.44
N ASN C 23 -1.40 21.31 38.76
CA ASN C 23 -2.73 21.89 38.62
C ASN C 23 -3.49 21.41 39.85
N PRO C 24 -3.74 22.29 40.83
CA PRO C 24 -4.38 21.83 42.08
C PRO C 24 -5.78 21.30 41.88
N ARG C 25 -6.37 21.50 40.70
CA ARG C 25 -7.67 20.91 40.40
C ARG C 25 -7.60 19.39 40.37
N LEU C 26 -6.56 18.85 39.73
CA LEU C 26 -6.52 17.44 39.37
C LEU C 26 -5.91 16.62 40.50
N ARG C 27 -6.57 15.50 40.81
CA ARG C 27 -6.09 14.50 41.75
C ARG C 27 -5.39 13.38 40.95
N ALA C 28 -4.88 12.39 41.68
CA ALA C 28 -4.11 11.33 41.03
C ALA C 28 -4.88 10.64 39.91
N ASN C 29 -6.16 10.33 40.15
CA ASN C 29 -6.94 9.65 39.11
C ASN C 29 -7.10 10.51 37.86
N ASP C 30 -7.18 11.83 38.01
CA ASP C 30 -7.28 12.70 36.84
C ASP C 30 -5.97 12.71 36.05
N TRP C 31 -4.85 12.72 36.77
CA TRP C 31 -3.55 12.63 36.10
C TRP C 31 -3.41 11.32 35.34
N ARG C 32 -3.77 10.21 35.99
CA ARG C 32 -3.75 8.90 35.33
C ARG C 32 -4.63 8.89 34.08
N ALA C 33 -5.85 9.42 34.19
CA ALA C 33 -6.75 9.43 33.03
C ALA C 33 -6.17 10.28 31.89
N LEU C 34 -5.55 11.41 32.23
CA LEU C 34 -4.93 12.26 31.20
C LEU C 34 -3.81 11.52 30.47
N VAL C 35 -2.90 10.88 31.22
CA VAL C 35 -1.83 10.14 30.55
C VAL C 35 -2.42 8.99 29.71
N PHE C 36 -3.47 8.33 30.22
CA PHE C 36 -4.13 7.28 29.46
C PHE C 36 -4.60 7.79 28.10
N THR C 37 -5.33 8.92 28.10
CA THR C 37 -5.80 9.51 26.84
C THR C 37 -4.64 9.81 25.91
N ALA C 38 -3.57 10.39 26.45
CA ALA C 38 -2.37 10.66 25.65
C ALA C 38 -1.85 9.38 24.99
N LEU C 39 -1.63 8.33 25.79
CA LEU C 39 -1.17 7.04 25.26
C LEU C 39 -2.09 6.55 24.15
N GLU C 40 -3.40 6.65 24.38
CA GLU C 40 -4.38 6.19 23.40
C GLU C 40 -4.35 7.01 22.12
N ASN C 41 -3.79 8.22 22.17
CA ASN C 41 -3.57 9.00 20.96
C ASN C 41 -2.14 8.93 20.46
N GLY C 42 -1.35 7.97 20.95
CA GLY C 42 -0.04 7.70 20.41
C GLY C 42 1.12 8.45 21.06
N VAL C 43 0.85 9.29 22.05
CA VAL C 43 1.90 10.07 22.70
C VAL C 43 2.69 9.14 23.64
N ASN C 44 4.01 9.05 23.42
CA ASN C 44 4.87 8.29 24.30
C ASN C 44 5.87 9.17 25.02
N SER C 45 5.83 10.48 24.81
CA SER C 45 6.82 11.40 25.35
C SER C 45 6.11 12.35 26.31
N PHE C 46 6.53 12.32 27.56
CA PHE C 46 5.88 13.09 28.62
C PHE C 46 6.95 13.92 29.32
N GLN C 47 6.60 15.15 29.67
CA GLN C 47 7.51 16.00 30.42
C GLN C 47 6.83 16.38 31.72
N ILE C 48 7.39 15.93 32.83
CA ILE C 48 6.84 16.22 34.14
C ILE C 48 7.44 17.52 34.66
N ASP C 49 6.56 18.52 34.89
CA ASP C 49 6.94 19.90 35.19
C ASP C 49 6.18 20.29 36.46
N GLY C 50 6.57 19.70 37.57
CA GLY C 50 5.91 19.88 38.85
C GLY C 50 6.18 18.68 39.71
N ASP C 51 5.93 18.84 41.01
CA ASP C 51 6.21 17.72 41.90
C ASP C 51 5.09 17.52 42.95
N ALA C 52 3.87 17.95 42.64
CA ALA C 52 2.76 17.70 43.56
C ALA C 52 2.58 16.19 43.75
N PRO C 53 2.33 15.73 44.98
CA PRO C 53 2.18 14.28 45.20
C PRO C 53 1.10 13.63 44.37
N GLU C 54 -0.04 14.30 44.17
CA GLU C 54 -1.09 13.71 43.33
C GLU C 54 -0.61 13.52 41.89
N LEU C 55 0.10 14.52 41.37
CA LEU C 55 0.66 14.42 40.03
C LEU C 55 1.62 13.25 39.92
N LEU C 56 2.58 13.14 40.86
CA LEU C 56 3.54 12.05 40.78
C LEU C 56 2.84 10.70 40.90
N LYS C 57 1.86 10.60 41.80
CA LYS C 57 1.15 9.34 41.96
C LYS C 57 0.42 8.92 40.69
N GLY C 58 -0.40 9.82 40.13
CA GLY C 58 -1.22 9.43 38.99
C GLY C 58 -0.39 9.21 37.73
N ALA C 59 0.56 10.11 37.48
CA ALA C 59 1.39 9.93 36.30
C ALA C 59 2.23 8.67 36.43
N GLY C 60 2.79 8.39 37.62
CA GLY C 60 3.57 7.17 37.80
C GLY C 60 2.76 5.89 37.61
N GLU C 61 1.51 5.87 38.10
CA GLU C 61 0.64 4.72 37.82
C GLU C 61 0.42 4.55 36.32
N ALA C 62 0.13 5.66 35.65
CA ALA C 62 -0.15 5.58 34.22
C ALA C 62 1.09 5.14 33.43
N PHE C 63 2.29 5.63 33.81
CA PHE C 63 3.49 5.20 33.08
C PHE C 63 3.75 3.72 33.29
N ALA C 64 3.42 3.21 34.48
CA ALA C 64 3.60 1.78 34.74
C ALA C 64 2.61 0.92 33.96
N SER C 65 1.55 1.51 33.39
CA SER C 65 0.61 0.72 32.59
C SER C 65 1.16 0.22 31.25
N VAL C 66 2.36 0.63 30.82
CA VAL C 66 3.02 0.14 29.61
C VAL C 66 4.47 -0.20 29.95
N GLU C 67 5.12 -0.94 29.04
CA GLU C 67 6.53 -1.24 29.23
C GLU C 67 7.33 0.05 29.23
N ARG C 68 8.23 0.18 30.22
CA ARG C 68 9.00 1.41 30.41
C ARG C 68 9.77 1.85 29.16
N HIS C 69 10.32 0.90 28.39
CA HIS C 69 11.13 1.28 27.23
C HIS C 69 10.31 1.90 26.09
N LEU C 70 8.99 1.83 26.12
CA LEU C 70 8.19 2.54 25.11
C LEU C 70 8.08 4.02 25.38
N LEU C 71 8.38 4.47 26.60
CA LEU C 71 8.18 5.86 26.97
C LEU C 71 9.48 6.63 26.98
N PHE C 72 9.38 7.94 26.68
CA PHE C 72 10.49 8.88 26.83
C PHE C 72 10.02 9.84 27.91
N LEU C 73 10.65 9.77 29.08
CA LEU C 73 10.19 10.53 30.25
C LEU C 73 11.22 11.61 30.56
N THR C 74 10.77 12.86 30.57
CA THR C 74 11.64 14.00 30.83
C THR C 74 11.18 14.65 32.12
N TRP C 75 12.13 14.92 33.02
CA TRP C 75 11.87 15.70 34.23
C TRP C 75 12.34 17.13 34.01
N ARG C 76 11.43 18.08 34.18
CA ARG C 76 11.76 19.49 33.99
C ARG C 76 12.16 20.07 35.35
N LEU C 77 13.39 20.51 35.46
CA LEU C 77 13.97 20.99 36.71
C LEU C 77 14.22 22.49 36.56
N ARG C 78 13.34 23.29 37.16
CA ARG C 78 13.44 24.73 37.04
C ARG C 78 14.28 25.31 38.18
N GLY C 79 14.25 26.63 38.27
CA GLY C 79 15.08 27.34 39.23
C GLY C 79 16.43 27.69 38.64
N ASP C 80 17.09 28.61 39.33
CA ASP C 80 18.40 29.10 38.95
C ASP C 80 19.39 27.93 38.87
N ALA C 81 19.84 27.60 37.65
CA ALA C 81 20.73 26.45 37.51
C ALA C 81 22.05 26.66 38.26
N LYS C 82 22.43 27.91 38.55
CA LYS C 82 23.70 28.16 39.23
C LYS C 82 23.63 27.84 40.72
N GLN C 83 22.43 27.65 41.26
CA GLN C 83 22.22 27.34 42.67
C GLN C 83 21.90 25.87 42.92
N LEU C 84 21.86 25.05 41.87
CA LEU C 84 21.63 23.63 42.03
C LEU C 84 22.78 22.98 42.78
N GLY C 85 22.46 21.97 43.57
CA GLY C 85 23.49 21.29 44.34
C GLY C 85 23.02 19.94 44.81
N PRO C 86 23.72 19.35 45.78
CA PRO C 86 23.30 18.02 46.26
C PRO C 86 21.87 17.95 46.76
N HIS C 87 21.36 19.01 47.37
CA HIS C 87 19.97 18.99 47.82
C HIS C 87 19.03 18.79 46.62
N THR C 88 19.39 19.38 45.48
CA THR C 88 18.62 19.20 44.26
C THR C 88 18.53 17.73 43.86
N LEU C 89 19.67 17.01 43.91
CA LEU C 89 19.68 15.60 43.58
C LEU C 89 18.90 14.76 44.59
N ASP C 90 18.96 15.12 45.88
CA ASP C 90 18.11 14.43 46.85
C ASP C 90 16.63 14.58 46.51
N ALA C 91 16.22 15.81 46.20
CA ALA C 91 14.83 16.07 45.87
C ALA C 91 14.45 15.36 44.57
N LEU C 92 15.39 15.25 43.63
CA LEU C 92 15.13 14.52 42.40
C LEU C 92 14.92 13.03 42.66
N LYS C 93 15.75 12.46 43.55
CA LYS C 93 15.57 11.06 43.91
C LYS C 93 14.19 10.83 44.51
N ARG C 94 13.78 11.70 45.43
CA ARG C 94 12.47 11.53 46.06
C ARG C 94 11.35 11.70 45.06
N SER C 95 11.43 12.70 44.18
CA SER C 95 10.26 13.03 43.37
C SER C 95 10.24 12.28 42.06
N ALA C 96 11.35 12.35 41.33
CA ALA C 96 11.35 11.79 39.97
C ALA C 96 11.52 10.29 40.02
N PHE C 97 12.33 9.80 40.96
CA PHE C 97 12.62 8.37 40.96
C PHE C 97 11.62 7.61 41.84
N GLU C 98 11.58 7.94 43.14
CA GLU C 98 10.61 7.29 44.00
C GLU C 98 9.18 7.71 43.65
N GLY C 99 8.95 9.00 43.45
CA GLY C 99 7.59 9.49 43.26
C GLY C 99 6.92 8.94 42.00
N LEU C 100 7.66 8.86 40.90
CA LEU C 100 7.10 8.33 39.68
C LEU C 100 7.33 6.84 39.54
N SER C 101 7.99 6.22 40.53
CA SER C 101 8.39 4.82 40.49
C SER C 101 9.19 4.49 39.23
N LEU C 102 10.28 5.24 39.03
CA LEU C 102 11.17 5.03 37.89
C LEU C 102 12.56 4.59 38.36
N ASP C 103 13.19 3.72 37.56
CA ASP C 103 14.62 3.42 37.72
C ASP C 103 15.51 4.39 36.94
N TYR C 104 15.01 4.98 35.85
CA TYR C 104 15.83 5.88 35.05
C TYR C 104 14.95 6.95 34.43
N LEU C 105 15.54 8.12 34.18
CA LEU C 105 14.91 9.18 33.41
C LEU C 105 15.60 9.25 32.05
N ASP C 106 14.79 9.44 31.00
CA ASP C 106 15.38 9.65 29.68
C ASP C 106 16.10 10.99 29.61
N LEU C 107 15.55 12.02 30.27
CA LEU C 107 16.15 13.33 30.14
C LEU C 107 15.86 14.14 31.40
N LEU C 108 16.85 14.88 31.86
CA LEU C 108 16.67 15.89 32.88
C LEU C 108 16.85 17.24 32.21
N LEU C 109 15.81 18.07 32.19
CA LEU C 109 15.83 19.31 31.43
C LEU C 109 15.93 20.50 32.39
N ILE C 110 17.08 21.16 32.43
CA ILE C 110 17.35 22.22 33.40
C ILE C 110 17.30 23.58 32.69
N ASN C 111 17.26 24.67 33.49
CA ASN C 111 17.34 26.02 32.90
C ASN C 111 18.76 26.31 32.46
N ASP C 112 18.89 27.06 31.37
CA ASP C 112 20.16 27.62 30.97
C ASP C 112 20.78 28.39 32.15
N PRO C 113 21.98 28.01 32.63
CA PRO C 113 22.64 28.78 33.70
C PRO C 113 23.29 30.07 33.23
N GLN C 114 23.28 30.35 31.91
CA GLN C 114 23.94 31.53 31.34
C GLN C 114 25.42 31.57 31.71
N SER C 115 26.07 30.42 31.52
CA SER C 115 27.44 30.17 31.89
C SER C 115 27.89 28.97 31.09
N ALA C 116 29.20 28.79 30.95
CA ALA C 116 29.65 27.59 30.27
C ALA C 116 29.71 26.38 31.19
N SER C 117 29.44 26.53 32.50
CA SER C 117 29.62 25.45 33.45
C SER C 117 28.46 25.41 34.45
N LEU C 118 28.27 24.24 35.07
CA LEU C 118 27.31 23.99 36.14
C LEU C 118 28.02 23.94 37.47
N PRO C 119 27.30 24.11 38.59
CA PRO C 119 27.93 23.94 39.92
C PRO C 119 28.55 22.55 40.06
N MET C 120 29.77 22.50 40.61
CA MET C 120 30.56 21.28 40.52
C MET C 120 29.92 20.11 41.26
N ALA C 121 29.39 20.34 42.47
CA ALA C 121 28.82 19.22 43.22
C ALA C 121 27.61 18.66 42.49
N PHE C 122 26.77 19.53 41.95
CA PHE C 122 25.62 19.08 41.17
C PHE C 122 26.07 18.30 39.94
N GLU C 123 27.02 18.85 39.20
CA GLU C 123 27.50 18.14 38.01
C GLU C 123 28.10 16.78 38.37
N SER C 124 28.87 16.72 39.46
CA SER C 124 29.43 15.44 39.88
C SER C 124 28.30 14.44 40.18
N GLY C 125 27.23 14.91 40.85
CA GLY C 125 26.09 14.03 41.10
C GLY C 125 25.41 13.56 39.82
N LEU C 126 25.30 14.45 38.83
CA LEU C 126 24.75 14.05 37.53
C LEU C 126 25.62 13.01 36.84
N GLN C 127 26.93 13.20 36.90
CA GLN C 127 27.84 12.21 36.33
C GLN C 127 27.63 10.84 36.97
N ASP C 128 27.44 10.81 38.29
CA ASP C 128 27.14 9.55 38.99
C ASP C 128 25.84 8.94 38.48
N LEU C 129 24.78 9.75 38.34
CA LEU C 129 23.53 9.20 37.79
C LEU C 129 23.75 8.65 36.39
N GLN C 130 24.54 9.34 35.58
CA GLN C 130 24.76 8.90 34.22
C GLN C 130 25.54 7.60 34.15
N LYS C 131 26.57 7.46 34.97
CA LYS C 131 27.39 6.25 34.91
C LYS C 131 26.59 5.01 35.32
N GLY C 132 25.57 5.17 36.15
CA GLY C 132 24.72 4.08 36.54
C GLY C 132 23.52 3.85 35.67
N ARG C 133 23.37 4.64 34.62
CA ARG C 133 22.25 4.63 33.69
C ARG C 133 20.97 5.15 34.31
N ALA C 134 21.02 5.76 35.51
CA ALA C 134 19.81 6.35 36.08
C ALA C 134 19.39 7.60 35.34
N LEU C 135 20.32 8.26 34.65
CA LEU C 135 19.99 9.44 33.85
C LEU C 135 20.62 9.26 32.47
N ARG C 136 19.79 9.25 31.43
CA ARG C 136 20.31 8.97 30.09
C ARG C 136 20.79 10.22 29.38
N GLY C 137 20.34 11.41 29.80
CA GLY C 137 20.83 12.64 29.21
C GLY C 137 20.40 13.87 29.98
N LEU C 138 21.17 14.94 29.79
CA LEU C 138 20.83 16.27 30.30
C LEU C 138 20.44 17.20 29.15
N GLY C 139 19.40 18.00 29.36
CA GLY C 139 18.97 18.96 28.36
C GLY C 139 18.99 20.35 28.98
N VAL C 140 19.17 21.36 28.13
CA VAL C 140 19.23 22.76 28.56
C VAL C 140 18.08 23.50 27.89
N ALA C 141 17.22 24.11 28.69
CA ALA C 141 16.11 24.92 28.21
C ALA C 141 16.54 26.38 28.15
N SER C 142 16.32 27.03 27.01
CA SER C 142 16.79 28.40 26.93
C SER C 142 15.91 29.19 25.98
N ARG C 143 15.80 30.48 26.24
CA ARG C 143 15.22 31.37 25.24
C ARG C 143 16.26 32.27 24.59
N GLY C 144 17.54 32.01 24.81
CA GLY C 144 18.61 32.74 24.16
C GLY C 144 19.64 31.81 23.56
N ASP C 145 20.87 32.28 23.51
CA ASP C 145 22.00 31.52 23.00
C ASP C 145 22.74 30.85 24.15
N ILE C 146 22.74 29.52 24.16
CA ILE C 146 23.45 28.78 25.21
C ILE C 146 24.94 28.84 24.94
N ASP C 147 25.73 29.04 26.00
CA ASP C 147 27.18 29.05 25.86
C ASP C 147 27.66 27.75 25.22
N PRO C 148 28.48 27.81 24.17
CA PRO C 148 28.97 26.59 23.53
C PRO C 148 29.76 25.70 24.46
N GLY C 149 30.45 26.29 25.44
CA GLY C 149 31.16 25.50 26.41
C GLY C 149 30.24 24.60 27.23
N LEU C 150 29.03 25.09 27.52
CA LEU C 150 28.06 24.22 28.19
C LEU C 150 27.54 23.13 27.26
N LEU C 151 27.27 23.48 26.00
CA LEU C 151 26.78 22.47 25.06
C LEU C 151 27.83 21.40 24.82
N ALA C 152 29.11 21.76 24.91
CA ALA C 152 30.18 20.78 24.72
C ALA C 152 30.32 19.83 25.91
N ASN C 153 29.65 20.11 27.02
CA ASN C 153 29.62 19.17 28.14
C ASN C 153 29.07 17.83 27.67
N ASP C 154 29.78 16.75 27.98
CA ASP C 154 29.35 15.42 27.55
C ASP C 154 27.95 15.07 28.06
N LEU C 155 27.53 15.61 29.21
CA LEU C 155 26.22 15.29 29.76
C LEU C 155 25.09 15.73 28.83
N VAL C 156 25.30 16.81 28.07
CA VAL C 156 24.23 17.54 27.39
C VAL C 156 23.94 16.89 26.05
N THR C 157 22.71 16.39 25.90
CA THR C 157 22.26 15.68 24.71
C THR C 157 21.10 16.37 24.01
N ALA C 158 20.53 17.40 24.62
CA ALA C 158 19.30 17.98 24.13
C ALA C 158 19.22 19.44 24.55
N VAL C 159 18.46 20.21 23.76
CA VAL C 159 18.13 21.59 24.09
C VAL C 159 16.63 21.76 23.86
N SER C 160 16.04 22.68 24.61
CA SER C 160 14.66 23.06 24.40
C SER C 160 14.60 24.55 24.13
N SER C 161 13.75 24.97 23.19
CA SER C 161 13.83 26.31 22.64
C SER C 161 12.45 26.71 22.09
N PRO C 162 12.09 27.98 22.19
CA PRO C 162 10.79 28.41 21.61
C PRO C 162 10.85 28.41 20.10
N TYR C 163 9.72 28.03 19.49
CA TYR C 163 9.58 28.16 18.03
C TYR C 163 8.10 28.19 17.69
N ASN C 164 7.71 29.23 16.95
CA ASN C 164 6.33 29.37 16.52
C ASN C 164 6.31 30.06 15.16
N LEU C 165 5.11 30.25 14.60
CA LEU C 165 5.08 30.79 13.25
C LEU C 165 5.38 32.29 13.21
N SER C 166 5.53 32.97 14.36
CA SER C 166 6.06 34.33 14.33
C SER C 166 7.53 34.40 14.79
N SER C 167 8.20 33.27 14.96
CA SER C 167 9.63 33.30 15.31
C SER C 167 10.43 33.84 14.14
N GLY C 168 11.50 34.58 14.44
CA GLY C 168 12.44 35.03 13.44
C GLY C 168 13.64 34.12 13.28
N TRP C 169 14.59 34.60 12.45
CA TRP C 169 15.72 33.74 12.10
C TRP C 169 16.69 33.50 13.24
N ALA C 170 16.80 34.38 14.24
CA ALA C 170 17.66 34.04 15.37
C ALA C 170 17.17 32.75 16.06
N GLU C 171 15.87 32.70 16.40
CA GLU C 171 15.33 31.50 17.05
C GLU C 171 15.43 30.29 16.13
N ARG C 172 15.12 30.49 14.85
CA ARG C 172 15.17 29.40 13.90
C ARG C 172 16.60 28.87 13.74
N HIS C 173 17.58 29.76 13.72
CA HIS C 173 18.97 29.34 13.54
C HIS C 173 19.43 28.55 14.76
N ARG C 174 19.02 28.98 15.96
CA ARG C 174 19.39 28.23 17.15
C ARG C 174 18.93 26.78 17.08
N ILE C 175 17.68 26.55 16.63
CA ILE C 175 17.22 25.17 16.62
C ILE C 175 17.83 24.40 15.44
N ARG C 176 18.04 25.04 14.29
CA ARG C 176 18.64 24.28 13.19
C ARG C 176 20.12 23.96 13.45
N GLN C 177 20.86 24.89 14.02
CA GLN C 177 22.25 24.61 14.36
C GLN C 177 22.36 23.54 15.43
N ALA C 178 21.47 23.57 16.44
CA ALA C 178 21.50 22.51 17.43
C ALA C 178 21.25 21.17 16.78
N SER C 179 20.23 21.08 15.91
CA SER C 179 19.92 19.81 15.29
C SER C 179 21.08 19.33 14.44
N GLN C 180 21.67 20.23 13.65
CA GLN C 180 22.76 19.83 12.75
C GLN C 180 23.95 19.35 13.54
N ASN C 181 24.13 19.85 14.76
CA ASN C 181 25.20 19.38 15.64
C ASN C 181 24.76 18.20 16.49
N ASN C 182 23.64 17.56 16.12
CA ASN C 182 23.18 16.27 16.62
C ASN C 182 22.63 16.33 18.04
N PHE C 183 22.26 17.53 18.50
CA PHE C 183 21.45 17.65 19.69
C PHE C 183 19.99 17.35 19.34
N ALA C 184 19.29 16.71 20.27
CA ALA C 184 17.84 16.64 20.17
C ALA C 184 17.27 17.99 20.55
N VAL C 185 16.29 18.46 19.75
CA VAL C 185 15.66 19.74 20.02
C VAL C 185 14.19 19.51 20.35
N ILE C 186 13.74 20.00 21.51
CA ILE C 186 12.33 20.03 21.91
C ILE C 186 11.80 21.44 21.65
N GLY C 187 10.76 21.56 20.84
CA GLY C 187 10.15 22.88 20.59
C GLY C 187 9.20 23.25 21.72
N GLU C 188 9.28 24.52 22.13
CA GLU C 188 8.45 25.11 23.17
C GLU C 188 7.66 26.27 22.59
N ASP C 189 6.61 26.67 23.31
CA ASP C 189 5.85 27.89 23.01
C ASP C 189 5.38 27.99 21.56
N PHE C 190 4.75 26.92 21.08
CA PHE C 190 4.22 27.00 19.73
C PHE C 190 3.03 27.96 19.68
N TRP C 191 2.44 28.30 20.83
CA TRP C 191 1.21 29.08 20.91
C TRP C 191 1.32 30.07 22.08
N PRO C 192 2.25 31.02 22.00
CA PRO C 192 2.50 31.91 23.14
C PRO C 192 1.42 32.98 23.22
N GLN C 193 1.29 33.57 24.41
CA GLN C 193 0.24 34.57 24.62
C GLN C 193 0.30 35.71 23.58
N ALA C 194 1.51 36.19 23.25
CA ALA C 194 1.62 37.24 22.25
C ALA C 194 0.98 36.83 20.92
N LEU C 195 1.19 35.57 20.50
CA LEU C 195 0.63 35.12 19.22
C LEU C 195 -0.87 34.97 19.33
N ARG C 196 -1.38 34.59 20.51
CA ARG C 196 -2.83 34.57 20.67
C ARG C 196 -3.40 35.95 20.50
N GLU C 197 -2.67 36.98 20.96
CA GLU C 197 -3.17 38.34 20.84
C GLU C 197 -3.09 38.84 19.40
N LEU C 198 -2.00 38.52 18.72
CA LEU C 198 -1.88 38.86 17.29
C LEU C 198 -2.97 38.19 16.47
N ALA C 199 -3.35 36.96 16.84
CA ALA C 199 -4.36 36.25 16.05
C ALA C 199 -5.71 36.94 16.08
N ASP C 200 -5.97 37.78 17.08
CA ASP C 200 -7.26 38.46 17.16
C ASP C 200 -7.30 39.75 16.36
N VAL C 201 -6.21 40.50 16.30
CA VAL C 201 -6.22 41.77 15.58
C VAL C 201 -4.89 42.00 14.89
N GLY C 202 -4.94 42.44 13.63
CA GLY C 202 -3.75 42.76 12.85
C GLY C 202 -3.45 41.79 11.72
N GLY C 203 -2.17 41.70 11.34
CA GLY C 203 -1.76 40.91 10.19
C GLY C 203 -1.89 39.41 10.37
N TYR C 204 -2.05 38.94 11.60
CA TYR C 204 -2.24 37.54 11.89
C TYR C 204 -3.72 37.17 12.07
N GLU C 205 -4.66 38.09 11.77
CA GLU C 205 -6.09 37.80 11.89
C GLU C 205 -6.54 36.60 11.05
N PHE C 206 -5.81 36.28 9.98
CA PHE C 206 -6.14 35.07 9.24
C PHE C 206 -6.11 33.82 10.12
N LEU C 207 -5.37 33.85 11.23
CA LEU C 207 -5.31 32.68 12.08
C LEU C 207 -6.68 32.32 12.64
N THR C 208 -7.52 33.32 12.88
CA THR C 208 -8.85 33.04 13.40
C THR C 208 -9.92 33.10 12.31
N ASN C 209 -9.51 33.20 11.05
CA ASN C 209 -10.50 33.30 9.98
C ASN C 209 -10.22 32.30 8.85
N THR C 210 -9.64 31.15 9.19
CA THR C 210 -9.35 30.12 8.19
C THR C 210 -10.36 28.99 8.30
N PRO C 211 -11.12 28.70 7.22
CA PRO C 211 -12.13 27.64 7.28
C PRO C 211 -11.52 26.30 7.67
N GLY C 212 -12.17 25.62 8.60
CA GLY C 212 -11.75 24.29 9.00
C GLY C 212 -10.58 24.24 9.98
N TRP C 213 -10.06 25.37 10.43
CA TRP C 213 -8.88 25.38 11.28
C TRP C 213 -9.06 26.36 12.45
N SER C 214 -8.66 25.95 13.65
CA SER C 214 -8.47 26.92 14.72
C SER C 214 -7.06 27.52 14.65
N ALA C 215 -6.92 28.70 15.23
CA ALA C 215 -5.62 29.37 15.25
C ALA C 215 -4.58 28.48 15.92
N GLU C 216 -4.94 27.89 17.07
CA GLU C 216 -4.02 27.01 17.78
C GLU C 216 -3.59 25.85 16.91
N ASP C 217 -4.52 25.26 16.18
CA ASP C 217 -4.16 24.14 15.33
C ASP C 217 -3.24 24.58 14.19
N ILE C 218 -3.46 25.77 13.62
CA ILE C 218 -2.52 26.26 12.61
C ILE C 218 -1.13 26.42 13.22
N CYS C 219 -1.06 26.96 14.43
CA CYS C 219 0.24 27.21 15.05
C CYS C 219 0.96 25.90 15.34
N LEU C 220 0.22 24.88 15.78
CA LEU C 220 0.81 23.56 15.97
C LEU C 220 1.25 22.94 14.64
N GLY C 221 0.38 22.99 13.63
CA GLY C 221 0.76 22.40 12.35
C GLY C 221 2.03 23.03 11.81
N TYR C 222 2.18 24.35 11.98
CA TYR C 222 3.39 24.99 11.51
C TYR C 222 4.60 24.45 12.26
N ALA C 223 4.52 24.40 13.60
CA ALA C 223 5.67 23.88 14.35
C ALA C 223 6.03 22.47 13.90
N LEU C 224 5.02 21.66 13.61
CA LEU C 224 5.26 20.28 13.23
C LEU C 224 5.94 20.15 11.89
N THR C 225 5.92 21.21 11.07
CA THR C 225 6.65 21.13 9.80
C THR C 225 8.10 21.57 9.92
N GLU C 226 8.56 22.00 11.10
CA GLU C 226 9.94 22.46 11.24
C GLU C 226 10.88 21.26 11.31
N PRO C 227 11.82 21.10 10.37
CA PRO C 227 12.61 19.87 10.36
C PRO C 227 13.52 19.69 11.59
N SER C 228 13.95 20.75 12.25
CA SER C 228 14.94 20.57 13.31
C SER C 228 14.35 20.10 14.64
N LEU C 229 13.02 20.13 14.83
CA LEU C 229 12.43 19.75 16.11
C LEU C 229 12.16 18.25 16.18
N ALA C 230 12.69 17.60 17.23
CA ALA C 230 12.34 16.21 17.43
C ALA C 230 10.91 16.06 17.84
N THR C 231 10.44 16.98 18.69
CA THR C 231 9.10 16.89 19.23
C THR C 231 8.69 18.29 19.66
N VAL C 232 7.38 18.49 19.75
CA VAL C 232 6.78 19.77 20.09
C VAL C 232 6.06 19.64 21.42
N ARG C 233 6.46 20.43 22.40
CA ARG C 233 5.83 20.31 23.71
C ARG C 233 4.48 21.02 23.69
N VAL C 234 3.46 20.34 24.24
CA VAL C 234 2.12 20.93 24.37
C VAL C 234 1.62 20.66 25.77
N THR C 235 0.73 21.54 26.27
CA THR C 235 0.09 21.38 27.56
C THR C 235 -1.40 21.26 27.29
N ALA C 236 -2.01 20.19 27.80
CA ALA C 236 -3.41 19.91 27.53
C ALA C 236 -3.97 19.24 28.77
N ASP C 237 -5.04 19.81 29.33
CA ASP C 237 -5.52 19.33 30.62
C ASP C 237 -6.86 18.61 30.51
N ASN C 238 -7.26 18.23 29.30
CA ASN C 238 -8.44 17.40 29.13
C ASN C 238 -8.33 16.59 27.84
N ARG C 239 -9.23 15.62 27.71
CA ARG C 239 -9.17 14.69 26.60
C ARG C 239 -9.44 15.38 25.26
N GLN C 240 -10.38 16.33 25.24
CA GLN C 240 -10.71 17.01 23.99
C GLN C 240 -9.48 17.71 23.41
N GLU C 241 -8.74 18.44 24.25
CA GLU C 241 -7.57 19.14 23.73
C GLU C 241 -6.53 18.14 23.22
N ILE C 242 -6.31 17.04 23.96
CA ILE C 242 -5.34 16.06 23.51
C ILE C 242 -5.73 15.49 22.16
N GLU C 243 -7.01 15.13 22.01
CA GLU C 243 -7.46 14.55 20.76
C GLU C 243 -7.28 15.51 19.61
N ARG C 244 -7.67 16.78 19.79
CA ARG C 244 -7.55 17.77 18.73
C ARG C 244 -6.09 18.01 18.34
N LEU C 245 -5.22 18.20 19.34
CA LEU C 245 -3.80 18.40 19.08
C LEU C 245 -3.21 17.21 18.33
N ALA C 246 -3.49 15.99 18.79
CA ALA C 246 -2.94 14.82 18.13
C ALA C 246 -3.47 14.71 16.70
N ALA C 247 -4.70 15.15 16.47
CA ALA C 247 -5.25 15.12 15.12
C ALA C 247 -4.48 16.04 14.19
N VAL C 248 -3.95 17.15 14.72
CA VAL C 248 -3.18 18.04 13.84
C VAL C 248 -2.01 17.31 13.18
N VAL C 249 -1.39 16.37 13.89
CA VAL C 249 -0.23 15.65 13.35
C VAL C 249 -0.50 15.06 11.96
N GLU C 250 -1.75 14.73 11.65
CA GLU C 250 -2.06 14.05 10.40
C GLU C 250 -2.66 14.96 9.33
N ARG C 251 -2.79 16.25 9.59
CA ARG C 251 -3.37 17.18 8.64
C ARG C 251 -2.27 17.94 7.89
N ASP C 252 -2.66 18.50 6.75
CA ASP C 252 -1.77 19.28 5.91
C ASP C 252 -2.21 20.74 5.93
N LEU C 253 -1.28 21.65 6.25
CA LEU C 253 -1.61 23.06 6.25
C LEU C 253 -1.95 23.50 4.83
N PRO C 254 -2.99 24.31 4.66
CA PRO C 254 -3.28 24.88 3.33
C PRO C 254 -2.14 25.75 2.86
N THR C 255 -1.88 25.72 1.54
CA THR C 255 -0.80 26.54 1.00
C THR C 255 -1.05 28.03 1.18
N GLY C 256 -2.32 28.45 1.13
CA GLY C 256 -2.64 29.85 1.38
C GLY C 256 -2.33 30.26 2.82
N VAL C 257 -2.41 29.32 3.75
CA VAL C 257 -2.02 29.64 5.12
C VAL C 257 -0.51 29.88 5.21
N CYS C 258 0.28 28.99 4.58
CA CYS C 258 1.73 29.15 4.59
C CYS C 258 2.14 30.47 3.93
N ALA C 259 1.44 30.86 2.86
CA ALA C 259 1.77 32.14 2.24
C ALA C 259 1.45 33.29 3.16
N GLN C 260 0.33 33.21 3.87
CA GLN C 260 -0.01 34.30 4.81
C GLN C 260 0.99 34.36 5.95
N ILE C 261 1.46 33.21 6.42
CA ILE C 261 2.49 33.22 7.47
C ILE C 261 3.74 33.94 6.98
N GLU C 262 4.12 33.72 5.71
CA GLU C 262 5.30 34.41 5.18
C GLU C 262 5.06 35.92 5.01
N MET C 263 3.94 36.32 4.37
CA MET C 263 3.57 37.73 4.25
C MET C 263 3.42 38.47 5.58
N ALA C 264 3.03 37.79 6.65
CA ALA C 264 2.83 38.49 7.92
C ALA C 264 4.14 38.89 8.59
N ARG C 265 5.28 38.36 8.12
CA ARG C 265 6.54 38.64 8.79
C ARG C 265 6.98 40.07 8.56
N PHE C 266 6.53 40.68 7.46
CA PHE C 266 6.97 42.04 7.13
C PHE C 266 6.61 43.05 8.22
N SER C 267 7.50 44.02 8.41
CA SER C 267 7.29 45.07 9.41
C SER C 267 7.81 46.39 8.85
N ALA C 268 6.96 47.42 8.84
CA ALA C 268 7.37 48.69 8.22
C ALA C 268 7.33 49.93 9.11
N GLN C 269 6.90 49.84 10.38
CA GLN C 269 6.69 51.04 11.22
C GLN C 269 8.02 51.50 11.82
N GLU C 270 8.73 52.36 11.11
CA GLU C 270 10.10 52.72 11.45
C GLU C 270 10.19 54.16 11.96
N ARG C 271 10.77 54.33 13.17
CA ARG C 271 10.85 55.63 13.85
C ARG C 271 11.40 56.75 12.97
N GLU C 272 10.96 57.96 13.30
CA GLU C 272 11.75 59.16 13.06
C GLU C 272 12.69 59.36 14.25
N LYS C 273 13.88 59.91 13.99
CA LYS C 273 14.86 60.02 15.07
C LYS C 273 14.33 60.87 16.23
N ALA C 274 14.83 60.58 17.43
CA ALA C 274 14.43 61.24 18.67
C ALA C 274 15.08 62.61 18.81
N ALA C 275 14.86 63.26 19.96
CA ALA C 275 15.31 64.65 20.19
C ALA C 275 16.79 64.75 20.56
N ARG C 276 17.41 65.88 20.11
CA ARG C 276 18.83 66.22 20.30
C ARG C 276 19.28 66.51 21.74
N ARG C 277 18.49 67.28 22.50
CA ARG C 277 18.77 67.87 23.82
C ARG C 277 20.20 68.38 23.99
N PRO C 278 20.55 69.50 23.37
CA PRO C 278 21.96 69.94 23.42
C PRO C 278 22.40 70.45 24.79
N LYS C 279 21.50 71.01 25.58
CA LYS C 279 21.85 71.44 26.94
C LYS C 279 22.22 70.23 27.80
N LEU C 280 21.43 69.17 27.69
CA LEU C 280 21.68 67.95 28.46
C LEU C 280 22.98 67.30 28.03
N ALA C 281 23.19 67.15 26.72
CA ALA C 281 24.43 66.57 26.22
C ALA C 281 25.63 67.39 26.68
N ALA C 282 25.50 68.73 26.67
CA ALA C 282 26.62 69.57 27.09
C ALA C 282 26.90 69.39 28.58
N ALA C 283 25.86 69.37 29.41
CA ALA C 283 26.04 69.14 30.83
C ALA C 283 26.75 67.81 31.09
N LEU C 284 26.36 66.75 30.37
CA LEU C 284 27.01 65.47 30.56
C LEU C 284 28.47 65.52 30.13
N GLU C 285 28.74 66.22 29.01
CA GLU C 285 30.11 66.44 28.53
C GLU C 285 30.98 67.11 29.56
N HIS C 286 30.40 68.03 30.32
CA HIS C 286 31.13 68.87 31.26
C HIS C 286 31.11 68.33 32.67
N HIS C 287 31.04 67.01 32.82
CA HIS C 287 31.14 66.40 34.13
C HIS C 287 32.42 66.84 34.81
N HIS C 288 32.38 66.87 36.14
CA HIS C 288 33.57 67.18 36.90
C HIS C 288 34.60 66.06 36.75
N HIS C 289 35.85 66.39 37.03
CA HIS C 289 36.93 65.67 36.37
C HIS C 289 37.46 64.54 37.23
N MET D 1 -17.18 6.55 -10.81
CA MET D 1 -18.25 5.83 -11.51
C MET D 1 -18.13 4.33 -11.40
N ARG D 2 -19.30 3.68 -11.31
CA ARG D 2 -19.41 2.23 -11.38
C ARG D 2 -20.28 1.88 -12.58
N TYR D 3 -20.11 0.64 -13.05
CA TYR D 3 -20.74 0.15 -14.28
C TYR D 3 -21.50 -1.13 -13.99
N ARG D 4 -22.76 -1.19 -14.42
CA ARG D 4 -23.63 -2.33 -14.18
C ARG D 4 -23.92 -3.06 -15.48
N PRO D 5 -24.25 -4.34 -15.42
CA PRO D 5 -24.79 -5.02 -16.60
C PRO D 5 -26.16 -4.47 -16.96
N PHE D 6 -26.37 -4.22 -18.24
CA PHE D 6 -27.66 -3.69 -18.68
C PHE D 6 -28.57 -4.89 -18.95
N GLY D 7 -29.23 -5.38 -17.88
CA GLY D 7 -30.05 -6.57 -18.03
C GLY D 7 -29.24 -7.74 -18.55
N SER D 8 -29.85 -8.55 -19.40
CA SER D 8 -29.23 -9.73 -19.96
C SER D 8 -28.63 -9.46 -21.34
N THR D 9 -28.46 -8.19 -21.70
CA THR D 9 -27.98 -7.87 -23.03
C THR D 9 -26.51 -8.22 -23.24
N GLY D 10 -25.75 -8.40 -22.17
CA GLY D 10 -24.31 -8.62 -22.26
C GLY D 10 -23.45 -7.36 -22.27
N VAL D 11 -24.05 -6.16 -22.17
CA VAL D 11 -23.30 -4.90 -22.22
C VAL D 11 -23.45 -4.16 -20.90
N ALA D 12 -22.50 -3.25 -20.64
CA ALA D 12 -22.40 -2.51 -19.38
C ALA D 12 -22.71 -1.03 -19.58
N VAL D 13 -23.30 -0.42 -18.55
CA VAL D 13 -23.67 0.98 -18.56
C VAL D 13 -23.24 1.61 -17.25
N SER D 14 -22.91 2.90 -17.29
CA SER D 14 -22.66 3.65 -16.07
C SER D 14 -23.90 3.64 -15.16
N ALA D 15 -23.65 3.70 -13.85
CA ALA D 15 -24.74 3.69 -12.86
C ALA D 15 -25.69 4.86 -13.06
N LEU D 16 -25.23 5.97 -13.63
CA LEU D 16 -26.07 7.10 -14.02
C LEU D 16 -26.25 7.15 -15.53
N THR D 17 -27.46 7.53 -15.96
CA THR D 17 -27.77 7.85 -17.35
C THR D 17 -28.16 9.31 -17.39
N LEU D 18 -27.42 10.11 -18.14
CA LEU D 18 -27.76 11.53 -18.27
C LEU D 18 -28.84 11.74 -19.35
N ARG D 19 -29.98 12.33 -18.96
CA ARG D 19 -31.03 12.71 -19.89
C ARG D 19 -30.77 14.11 -20.42
N LEU D 20 -30.89 14.24 -21.74
CA LEU D 20 -30.75 15.52 -22.44
C LEU D 20 -32.14 15.86 -22.94
N ALA D 21 -32.73 16.92 -22.42
CA ALA D 21 -34.11 17.24 -22.76
C ALA D 21 -34.18 18.68 -23.24
N ASP D 22 -35.06 18.92 -24.22
CA ASP D 22 -35.14 20.24 -24.84
C ASP D 22 -35.17 21.33 -23.78
N ASN D 23 -34.39 22.38 -24.03
CA ASN D 23 -34.24 23.55 -23.18
C ASN D 23 -33.98 24.74 -24.11
N PRO D 24 -34.97 25.61 -24.31
CA PRO D 24 -34.84 26.65 -25.35
C PRO D 24 -33.69 27.62 -25.13
N ARG D 25 -33.16 27.71 -23.91
CA ARG D 25 -32.09 28.66 -23.66
C ARG D 25 -30.71 28.14 -24.01
N LEU D 26 -30.58 26.85 -24.30
CA LEU D 26 -29.28 26.24 -24.55
C LEU D 26 -28.98 26.19 -26.04
N ARG D 27 -27.73 26.44 -26.39
CA ARG D 27 -27.26 26.31 -27.75
C ARG D 27 -26.36 25.09 -27.83
N ALA D 28 -25.92 24.76 -29.05
CA ALA D 28 -25.19 23.51 -29.25
C ALA D 28 -23.97 23.42 -28.35
N ASN D 29 -23.20 24.52 -28.26
CA ASN D 29 -22.07 24.63 -27.34
C ASN D 29 -22.42 24.20 -25.91
N ASP D 30 -23.59 24.59 -25.44
CA ASP D 30 -23.97 24.28 -24.07
C ASP D 30 -24.26 22.79 -23.89
N TRP D 31 -24.94 22.20 -24.88
CA TRP D 31 -25.21 20.76 -24.86
C TRP D 31 -23.94 19.94 -24.91
N ARG D 32 -23.01 20.35 -25.77
CA ARG D 32 -21.73 19.69 -25.87
C ARG D 32 -20.97 19.77 -24.56
N ALA D 33 -21.02 20.94 -23.90
CA ALA D 33 -20.36 21.09 -22.61
C ALA D 33 -20.91 20.12 -21.58
N LEU D 34 -22.24 19.98 -21.53
CA LEU D 34 -22.85 19.06 -20.59
C LEU D 34 -22.38 17.62 -20.83
N VAL D 35 -22.43 17.18 -22.09
CA VAL D 35 -22.04 15.80 -22.39
C VAL D 35 -20.58 15.59 -22.06
N PHE D 36 -19.73 16.56 -22.39
CA PHE D 36 -18.31 16.48 -22.04
C PHE D 36 -18.12 16.31 -20.53
N THR D 37 -18.81 17.12 -19.73
CA THR D 37 -18.64 16.98 -18.28
C THR D 37 -19.05 15.59 -17.82
N ALA D 38 -20.15 15.07 -18.37
CA ALA D 38 -20.58 13.73 -17.99
C ALA D 38 -19.54 12.69 -18.40
N LEU D 39 -19.03 12.79 -19.63
CA LEU D 39 -17.97 11.87 -20.05
C LEU D 39 -16.78 11.92 -19.11
N GLU D 40 -16.38 13.12 -18.72
CA GLU D 40 -15.25 13.27 -17.82
C GLU D 40 -15.54 12.76 -16.43
N ASN D 41 -16.81 12.48 -16.12
CA ASN D 41 -17.12 11.85 -14.84
C ASN D 41 -17.56 10.41 -14.99
N GLY D 42 -17.25 9.77 -16.12
CA GLY D 42 -17.47 8.35 -16.28
C GLY D 42 -18.82 7.95 -16.82
N VAL D 43 -19.70 8.89 -17.12
CA VAL D 43 -21.01 8.53 -17.66
C VAL D 43 -20.86 8.15 -19.13
N ASN D 44 -21.33 6.96 -19.49
CA ASN D 44 -21.33 6.53 -20.88
C ASN D 44 -22.73 6.29 -21.44
N SER D 45 -23.76 6.54 -20.63
CA SER D 45 -25.14 6.23 -20.99
C SER D 45 -25.92 7.54 -21.09
N PHE D 46 -26.49 7.81 -22.26
CA PHE D 46 -27.17 9.08 -22.50
C PHE D 46 -28.55 8.79 -23.07
N GLN D 47 -29.53 9.59 -22.66
CA GLN D 47 -30.88 9.44 -23.15
C GLN D 47 -31.29 10.76 -23.78
N ILE D 48 -31.55 10.74 -25.06
CA ILE D 48 -31.97 11.94 -25.77
C ILE D 48 -33.49 11.98 -25.72
N ASP D 49 -34.01 13.05 -25.11
CA ASP D 49 -35.44 13.22 -24.86
C ASP D 49 -35.83 14.64 -25.30
N GLY D 50 -35.58 14.92 -26.57
CA GLY D 50 -35.93 16.17 -27.22
C GLY D 50 -35.48 16.06 -28.65
N ASP D 51 -35.96 17.01 -29.49
CA ASP D 51 -35.47 17.00 -30.87
C ASP D 51 -35.20 18.40 -31.39
N ALA D 52 -34.89 19.35 -30.51
CA ALA D 52 -34.49 20.68 -30.98
C ALA D 52 -33.19 20.59 -31.76
N PRO D 53 -33.08 21.26 -32.90
CA PRO D 53 -31.85 21.19 -33.70
C PRO D 53 -30.57 21.46 -32.93
N GLU D 54 -30.60 22.41 -31.99
CA GLU D 54 -29.38 22.74 -31.27
C GLU D 54 -28.99 21.60 -30.33
N LEU D 55 -29.98 20.93 -29.76
CA LEU D 55 -29.72 19.76 -28.93
C LEU D 55 -29.13 18.63 -29.76
N LEU D 56 -29.76 18.30 -30.89
CA LEU D 56 -29.21 17.21 -31.71
C LEU D 56 -27.80 17.55 -32.19
N LYS D 57 -27.56 18.82 -32.56
CA LYS D 57 -26.24 19.21 -33.04
C LYS D 57 -25.17 19.09 -31.94
N GLY D 58 -25.43 19.71 -30.78
CA GLY D 58 -24.43 19.67 -29.73
C GLY D 58 -24.20 18.26 -29.19
N ALA D 59 -25.27 17.48 -29.04
CA ALA D 59 -25.10 16.15 -28.50
C ALA D 59 -24.39 15.25 -29.50
N GLY D 60 -24.75 15.35 -30.79
CA GLY D 60 -24.06 14.58 -31.80
C GLY D 60 -22.57 14.88 -31.84
N GLU D 61 -22.20 16.17 -31.75
CA GLU D 61 -20.78 16.52 -31.71
C GLU D 61 -20.09 15.85 -30.53
N ALA D 62 -20.68 15.98 -29.34
CA ALA D 62 -20.00 15.43 -28.18
C ALA D 62 -19.90 13.91 -28.28
N PHE D 63 -20.96 13.23 -28.76
CA PHE D 63 -20.89 11.77 -28.88
C PHE D 63 -19.80 11.37 -29.86
N ALA D 64 -19.61 12.16 -30.91
CA ALA D 64 -18.58 11.88 -31.89
C ALA D 64 -17.17 12.10 -31.35
N SER D 65 -17.02 12.73 -30.19
CA SER D 65 -15.70 12.90 -29.57
C SER D 65 -15.14 11.64 -28.88
N VAL D 66 -15.91 10.57 -28.72
CA VAL D 66 -15.38 9.31 -28.21
C VAL D 66 -15.78 8.19 -29.18
N GLU D 67 -15.12 7.04 -29.03
CA GLU D 67 -15.50 5.87 -29.81
C GLU D 67 -16.97 5.50 -29.56
N ARG D 68 -17.75 5.41 -30.66
CA ARG D 68 -19.20 5.18 -30.57
C ARG D 68 -19.56 3.94 -29.75
N HIS D 69 -18.77 2.88 -29.86
CA HIS D 69 -19.12 1.65 -29.13
C HIS D 69 -18.92 1.75 -27.62
N LEU D 70 -18.26 2.80 -27.12
CA LEU D 70 -18.15 2.95 -25.68
C LEU D 70 -19.41 3.58 -25.08
N LEU D 71 -20.31 4.07 -25.91
CA LEU D 71 -21.51 4.76 -25.44
C LEU D 71 -22.76 3.89 -25.53
N PHE D 72 -23.68 4.10 -24.58
CA PHE D 72 -25.00 3.51 -24.65
C PHE D 72 -25.99 4.66 -24.85
N LEU D 73 -26.57 4.73 -26.03
CA LEU D 73 -27.40 5.85 -26.43
C LEU D 73 -28.85 5.38 -26.58
N THR D 74 -29.75 6.03 -25.84
CA THR D 74 -31.16 5.70 -25.83
C THR D 74 -31.92 6.90 -26.39
N TRP D 75 -32.79 6.65 -27.39
CA TRP D 75 -33.73 7.66 -27.87
C TRP D 75 -35.06 7.48 -27.16
N ARG D 76 -35.54 8.55 -26.53
CA ARG D 76 -36.84 8.51 -25.86
C ARG D 76 -37.90 8.96 -26.86
N LEU D 77 -38.82 8.06 -27.18
CA LEU D 77 -39.90 8.32 -28.14
C LEU D 77 -41.23 8.38 -27.37
N ARG D 78 -41.76 9.57 -27.22
CA ARG D 78 -42.99 9.78 -26.48
C ARG D 78 -44.17 9.79 -27.47
N GLY D 79 -45.34 10.20 -27.00
CA GLY D 79 -46.54 10.09 -27.81
C GLY D 79 -47.24 8.77 -27.57
N ASP D 80 -48.52 8.73 -27.96
CA ASP D 80 -49.34 7.53 -27.82
C ASP D 80 -48.74 6.39 -28.63
N ALA D 81 -48.21 5.36 -27.95
CA ALA D 81 -47.54 4.28 -28.67
C ALA D 81 -48.50 3.53 -29.57
N LYS D 82 -49.81 3.62 -29.32
CA LYS D 82 -50.79 2.99 -30.19
C LYS D 82 -50.97 3.72 -31.52
N GLN D 83 -50.40 4.92 -31.66
CA GLN D 83 -50.53 5.71 -32.87
C GLN D 83 -49.24 5.77 -33.68
N LEU D 84 -48.23 4.97 -33.30
CA LEU D 84 -46.95 5.02 -34.01
C LEU D 84 -47.07 4.35 -35.37
N GLY D 85 -46.29 4.82 -36.34
CA GLY D 85 -46.36 4.29 -37.68
C GLY D 85 -45.20 4.67 -38.57
N PRO D 86 -45.41 4.61 -39.88
CA PRO D 86 -44.33 4.97 -40.82
C PRO D 86 -43.83 6.40 -40.65
N HIS D 87 -44.74 7.34 -40.36
CA HIS D 87 -44.33 8.71 -40.10
C HIS D 87 -43.37 8.77 -38.93
N THR D 88 -43.61 7.95 -37.91
CA THR D 88 -42.70 7.89 -36.76
C THR D 88 -41.31 7.42 -37.15
N LEU D 89 -41.23 6.37 -37.98
CA LEU D 89 -39.93 5.86 -38.42
C LEU D 89 -39.19 6.89 -39.25
N ASP D 90 -39.94 7.61 -40.09
CA ASP D 90 -39.35 8.69 -40.87
C ASP D 90 -38.77 9.78 -39.96
N ALA D 91 -39.53 10.18 -38.93
CA ALA D 91 -39.07 11.22 -38.03
C ALA D 91 -37.88 10.74 -37.21
N LEU D 92 -37.87 9.46 -36.83
CA LEU D 92 -36.73 8.89 -36.11
C LEU D 92 -35.47 8.94 -36.96
N LYS D 93 -35.61 8.63 -38.25
CA LYS D 93 -34.47 8.68 -39.15
C LYS D 93 -33.93 10.10 -39.28
N ARG D 94 -34.81 11.12 -39.40
CA ARG D 94 -34.29 12.49 -39.44
C ARG D 94 -33.60 12.87 -38.13
N SER D 95 -34.27 12.63 -37.01
CA SER D 95 -33.84 13.23 -35.75
C SER D 95 -32.76 12.38 -35.08
N ALA D 96 -33.04 11.10 -34.88
CA ALA D 96 -32.13 10.28 -34.09
C ALA D 96 -30.90 9.88 -34.89
N PHE D 97 -31.09 9.50 -36.16
CA PHE D 97 -29.98 8.97 -36.93
C PHE D 97 -29.24 10.08 -37.66
N GLU D 98 -29.93 10.85 -38.50
CA GLU D 98 -29.27 11.95 -39.17
C GLU D 98 -28.91 13.06 -38.18
N GLY D 99 -29.83 13.39 -37.27
CA GLY D 99 -29.62 14.55 -36.40
C GLY D 99 -28.49 14.37 -35.41
N LEU D 100 -28.39 13.18 -34.80
CA LEU D 100 -27.30 12.85 -33.89
C LEU D 100 -26.11 12.21 -34.60
N SER D 101 -26.18 12.06 -35.92
CA SER D 101 -25.13 11.41 -36.73
C SER D 101 -24.82 10.01 -36.22
N LEU D 102 -25.87 9.22 -36.05
CA LEU D 102 -25.71 7.85 -35.56
C LEU D 102 -26.02 6.86 -36.68
N ASP D 103 -25.30 5.72 -36.64
CA ASP D 103 -25.64 4.54 -37.44
C ASP D 103 -26.59 3.59 -36.74
N TYR D 104 -26.60 3.58 -35.40
CA TYR D 104 -27.45 2.68 -34.65
C TYR D 104 -27.80 3.32 -33.30
N LEU D 105 -28.93 2.89 -32.74
CA LEU D 105 -29.33 3.20 -31.37
C LEU D 105 -29.16 1.96 -30.50
N ASP D 106 -28.63 2.14 -29.29
CA ASP D 106 -28.61 1.05 -28.33
C ASP D 106 -30.00 0.71 -27.82
N LEU D 107 -30.88 1.71 -27.67
CA LEU D 107 -32.21 1.47 -27.18
C LEU D 107 -33.16 2.52 -27.73
N LEU D 108 -34.34 2.08 -28.13
CA LEU D 108 -35.48 2.98 -28.42
C LEU D 108 -36.49 2.76 -27.29
N LEU D 109 -36.78 3.82 -26.52
CA LEU D 109 -37.57 3.73 -25.28
C LEU D 109 -38.91 4.41 -25.53
N ILE D 110 -39.97 3.62 -25.66
CA ILE D 110 -41.28 4.16 -26.05
C ILE D 110 -42.19 4.16 -24.83
N ASN D 111 -43.33 4.86 -24.96
CA ASN D 111 -44.35 4.79 -23.92
C ASN D 111 -45.05 3.44 -23.96
N ASP D 112 -45.51 3.01 -22.80
CA ASP D 112 -46.34 1.84 -22.68
C ASP D 112 -47.64 2.03 -23.46
N PRO D 113 -47.91 1.21 -24.49
CA PRO D 113 -49.18 1.34 -25.23
C PRO D 113 -50.39 0.84 -24.45
N GLN D 114 -50.20 0.21 -23.29
CA GLN D 114 -51.31 -0.31 -22.48
C GLN D 114 -52.09 -1.37 -23.25
N SER D 115 -51.33 -2.22 -23.93
CA SER D 115 -51.81 -3.28 -24.79
C SER D 115 -50.71 -4.32 -24.85
N ALA D 116 -51.05 -5.51 -25.36
CA ALA D 116 -50.04 -6.54 -25.53
C ALA D 116 -49.28 -6.43 -26.84
N SER D 117 -49.68 -5.54 -27.73
CA SER D 117 -49.11 -5.50 -29.06
C SER D 117 -48.82 -4.06 -29.47
N LEU D 118 -47.94 -3.93 -30.45
CA LEU D 118 -47.59 -2.67 -31.08
C LEU D 118 -48.24 -2.59 -32.45
N PRO D 119 -48.42 -1.38 -32.98
CA PRO D 119 -48.95 -1.24 -34.35
C PRO D 119 -48.11 -2.00 -35.37
N MET D 120 -48.79 -2.66 -36.31
CA MET D 120 -48.11 -3.58 -37.21
C MET D 120 -47.00 -2.90 -38.00
N ALA D 121 -47.34 -1.81 -38.70
CA ALA D 121 -46.36 -1.11 -39.52
C ALA D 121 -45.17 -0.61 -38.70
N PHE D 122 -45.44 -0.06 -37.51
CA PHE D 122 -44.36 0.37 -36.64
C PHE D 122 -43.46 -0.80 -36.24
N GLU D 123 -44.07 -1.92 -35.83
CA GLU D 123 -43.28 -3.07 -35.40
C GLU D 123 -42.46 -3.63 -36.55
N SER D 124 -43.03 -3.65 -37.77
CA SER D 124 -42.29 -4.09 -38.94
C SER D 124 -41.11 -3.16 -39.22
N GLY D 125 -41.32 -1.86 -39.03
CA GLY D 125 -40.21 -0.92 -39.15
C GLY D 125 -39.10 -1.19 -38.15
N LEU D 126 -39.47 -1.57 -36.92
CA LEU D 126 -38.44 -1.86 -35.91
C LEU D 126 -37.70 -3.14 -36.23
N GLN D 127 -38.41 -4.16 -36.71
CA GLN D 127 -37.73 -5.38 -37.16
C GLN D 127 -36.76 -5.07 -38.30
N ASP D 128 -37.16 -4.19 -39.24
CA ASP D 128 -36.28 -3.76 -40.31
C ASP D 128 -35.03 -3.08 -39.77
N LEU D 129 -35.20 -2.16 -38.80
CA LEU D 129 -34.04 -1.53 -38.17
C LEU D 129 -33.13 -2.54 -37.49
N GLN D 130 -33.72 -3.52 -36.80
CA GLN D 130 -32.90 -4.49 -36.09
C GLN D 130 -32.13 -5.39 -37.05
N LYS D 131 -32.78 -5.78 -38.16
CA LYS D 131 -32.09 -6.59 -39.17
C LYS D 131 -30.98 -5.82 -39.85
N GLY D 132 -31.14 -4.51 -40.02
CA GLY D 132 -30.09 -3.64 -40.51
C GLY D 132 -29.02 -3.28 -39.48
N ARG D 133 -29.14 -3.80 -38.26
CA ARG D 133 -28.21 -3.56 -37.16
C ARG D 133 -28.19 -2.09 -36.75
N ALA D 134 -29.33 -1.41 -36.95
CA ALA D 134 -29.51 -0.01 -36.59
C ALA D 134 -30.21 0.15 -35.25
N LEU D 135 -30.65 -0.93 -34.61
CA LEU D 135 -31.39 -0.82 -33.36
C LEU D 135 -31.16 -2.08 -32.56
N ARG D 136 -30.58 -1.92 -31.37
CA ARG D 136 -30.22 -3.09 -30.57
C ARG D 136 -31.32 -3.52 -29.62
N GLY D 137 -32.34 -2.70 -29.39
CA GLY D 137 -33.33 -3.10 -28.42
C GLY D 137 -34.45 -2.09 -28.31
N LEU D 138 -35.62 -2.58 -27.89
CA LEU D 138 -36.79 -1.76 -27.57
C LEU D 138 -37.04 -1.78 -26.05
N GLY D 139 -37.36 -0.62 -25.51
CA GLY D 139 -37.65 -0.48 -24.11
C GLY D 139 -39.03 0.12 -23.98
N VAL D 140 -39.69 -0.18 -22.88
CA VAL D 140 -41.03 0.32 -22.61
C VAL D 140 -41.00 1.07 -21.28
N ALA D 141 -41.43 2.33 -21.30
CA ALA D 141 -41.49 3.15 -20.09
C ALA D 141 -42.91 3.12 -19.58
N SER D 142 -43.08 2.89 -18.27
CA SER D 142 -44.43 2.82 -17.72
C SER D 142 -44.41 3.31 -16.29
N ARG D 143 -45.57 3.78 -15.83
CA ARG D 143 -45.75 4.03 -14.41
C ARG D 143 -46.77 3.08 -13.80
N GLY D 144 -47.15 2.03 -14.52
CA GLY D 144 -48.02 1.01 -14.01
C GLY D 144 -47.48 -0.38 -14.37
N ASP D 145 -48.40 -1.32 -14.50
CA ASP D 145 -48.05 -2.69 -14.82
C ASP D 145 -48.16 -2.87 -16.33
N ILE D 146 -47.04 -3.24 -16.97
CA ILE D 146 -46.99 -3.46 -18.41
C ILE D 146 -47.58 -4.84 -18.73
N ASP D 147 -48.35 -4.93 -19.81
CA ASP D 147 -48.86 -6.22 -20.25
C ASP D 147 -47.72 -7.20 -20.49
N PRO D 148 -47.70 -8.37 -19.83
CA PRO D 148 -46.59 -9.31 -20.01
C PRO D 148 -46.47 -9.83 -21.45
N GLY D 149 -47.54 -9.82 -22.23
CA GLY D 149 -47.44 -10.23 -23.61
C GLY D 149 -46.65 -9.23 -24.44
N LEU D 150 -46.74 -7.94 -24.08
CA LEU D 150 -45.87 -6.96 -24.72
C LEU D 150 -44.41 -7.21 -24.37
N LEU D 151 -44.11 -7.46 -23.08
CA LEU D 151 -42.72 -7.70 -22.68
C LEU D 151 -42.16 -8.95 -23.33
N ALA D 152 -43.01 -9.94 -23.59
CA ALA D 152 -42.58 -11.18 -24.24
C ALA D 152 -42.16 -10.95 -25.70
N ASN D 153 -42.53 -9.83 -26.29
CA ASN D 153 -42.06 -9.54 -27.64
C ASN D 153 -40.53 -9.59 -27.67
N ASP D 154 -39.98 -10.30 -28.67
CA ASP D 154 -38.53 -10.48 -28.73
C ASP D 154 -37.78 -9.16 -28.81
N LEU D 155 -38.43 -8.10 -29.32
CA LEU D 155 -37.77 -6.81 -29.43
C LEU D 155 -37.49 -6.18 -28.07
N VAL D 156 -38.35 -6.44 -27.09
CA VAL D 156 -38.37 -5.69 -25.83
C VAL D 156 -37.33 -6.31 -24.90
N THR D 157 -36.28 -5.55 -24.62
CA THR D 157 -35.23 -5.98 -23.72
C THR D 157 -35.14 -5.14 -22.45
N ALA D 158 -35.97 -4.10 -22.31
CA ALA D 158 -35.74 -3.16 -21.21
C ALA D 158 -37.05 -2.50 -20.85
N VAL D 159 -37.16 -2.06 -19.60
CA VAL D 159 -38.28 -1.28 -19.12
C VAL D 159 -37.71 -0.09 -18.35
N SER D 160 -38.54 0.95 -18.21
CA SER D 160 -38.17 2.12 -17.42
C SER D 160 -39.33 2.43 -16.47
N SER D 161 -39.02 2.69 -15.20
CA SER D 161 -40.06 2.81 -14.18
C SER D 161 -39.61 3.76 -13.09
N PRO D 162 -40.54 4.40 -12.38
CA PRO D 162 -40.14 5.29 -11.28
C PRO D 162 -39.69 4.51 -10.06
N TYR D 163 -38.69 5.07 -9.38
CA TYR D 163 -38.30 4.55 -8.08
C TYR D 163 -37.58 5.65 -7.30
N ASN D 164 -38.03 5.88 -6.07
CA ASN D 164 -37.40 6.89 -5.22
C ASN D 164 -37.55 6.41 -3.78
N LEU D 165 -36.98 7.17 -2.85
CA LEU D 165 -36.98 6.67 -1.47
C LEU D 165 -38.37 6.75 -0.84
N SER D 166 -39.34 7.37 -1.50
CA SER D 166 -40.70 7.30 -1.00
C SER D 166 -41.56 6.32 -1.79
N SER D 167 -40.98 5.58 -2.74
CA SER D 167 -41.78 4.57 -3.43
C SER D 167 -42.20 3.47 -2.46
N GLY D 168 -43.34 2.85 -2.76
CA GLY D 168 -43.80 1.69 -2.02
C GLY D 168 -43.55 0.38 -2.74
N TRP D 169 -44.15 -0.69 -2.18
CA TRP D 169 -43.83 -2.04 -2.61
C TRP D 169 -44.44 -2.41 -3.97
N ALA D 170 -45.56 -1.82 -4.39
CA ALA D 170 -46.02 -2.09 -5.75
C ALA D 170 -44.98 -1.67 -6.78
N GLU D 171 -44.47 -0.43 -6.67
CA GLU D 171 -43.38 0.08 -7.52
C GLU D 171 -42.14 -0.81 -7.41
N ARG D 172 -41.75 -1.11 -6.18
CA ARG D 172 -40.54 -1.90 -5.98
C ARG D 172 -40.68 -3.29 -6.60
N HIS D 173 -41.85 -3.91 -6.42
CA HIS D 173 -42.10 -5.24 -6.97
C HIS D 173 -42.01 -5.22 -8.49
N ARG D 174 -42.52 -4.16 -9.12
CA ARG D 174 -42.46 -4.12 -10.58
C ARG D 174 -41.01 -4.15 -11.05
N ILE D 175 -40.13 -3.36 -10.41
CA ILE D 175 -38.77 -3.32 -10.95
C ILE D 175 -38.00 -4.59 -10.61
N ARG D 176 -38.28 -5.18 -9.45
CA ARG D 176 -37.58 -6.42 -9.09
C ARG D 176 -38.05 -7.59 -9.94
N GLN D 177 -39.34 -7.67 -10.24
CA GLN D 177 -39.82 -8.73 -11.11
C GLN D 177 -39.29 -8.57 -12.53
N ALA D 178 -39.24 -7.33 -13.04
CA ALA D 178 -38.67 -7.14 -14.38
C ALA D 178 -37.20 -7.57 -14.40
N SER D 179 -36.44 -7.19 -13.40
CA SER D 179 -35.04 -7.56 -13.37
C SER D 179 -34.86 -9.07 -13.22
N GLN D 180 -35.68 -9.71 -12.38
CA GLN D 180 -35.59 -11.16 -12.21
C GLN D 180 -35.98 -11.89 -13.47
N ASN D 181 -36.81 -11.28 -14.31
CA ASN D 181 -37.16 -11.87 -15.60
C ASN D 181 -36.24 -11.42 -16.72
N ASN D 182 -35.07 -10.91 -16.37
CA ASN D 182 -33.94 -10.67 -17.27
C ASN D 182 -34.10 -9.40 -18.11
N PHE D 183 -35.03 -8.50 -17.75
CA PHE D 183 -35.10 -7.21 -18.41
C PHE D 183 -34.11 -6.25 -17.76
N ALA D 184 -33.53 -5.38 -18.57
CA ALA D 184 -32.80 -4.23 -18.03
C ALA D 184 -33.83 -3.24 -17.50
N VAL D 185 -33.57 -2.68 -16.33
CA VAL D 185 -34.51 -1.72 -15.72
C VAL D 185 -33.78 -0.40 -15.53
N ILE D 186 -34.33 0.66 -16.14
CA ILE D 186 -33.85 2.03 -15.97
C ILE D 186 -34.73 2.70 -14.93
N GLY D 187 -34.13 3.20 -13.87
CA GLY D 187 -34.91 3.93 -12.86
C GLY D 187 -35.11 5.38 -13.29
N GLU D 188 -36.34 5.87 -13.09
CA GLU D 188 -36.72 7.24 -13.38
C GLU D 188 -37.21 7.91 -12.10
N ASP D 189 -37.31 9.24 -12.15
CA ASP D 189 -37.97 10.05 -11.10
C ASP D 189 -37.42 9.72 -9.71
N PHE D 190 -36.10 9.71 -9.59
CA PHE D 190 -35.52 9.54 -8.25
C PHE D 190 -35.75 10.77 -7.37
N TRP D 191 -36.14 11.90 -7.98
CA TRP D 191 -36.25 13.20 -7.31
C TRP D 191 -37.47 13.95 -7.87
N PRO D 192 -38.66 13.35 -7.79
CA PRO D 192 -39.86 13.99 -8.35
C PRO D 192 -40.28 15.20 -7.52
N GLN D 193 -41.04 16.10 -8.16
CA GLN D 193 -41.47 17.33 -7.47
C GLN D 193 -42.12 17.06 -6.12
N ALA D 194 -42.93 16.00 -6.01
CA ALA D 194 -43.65 15.76 -4.75
C ALA D 194 -42.67 15.48 -3.60
N LEU D 195 -41.58 14.80 -3.90
CA LEU D 195 -40.57 14.56 -2.88
C LEU D 195 -39.78 15.83 -2.55
N ARG D 196 -39.57 16.71 -3.54
CA ARG D 196 -38.89 17.96 -3.22
C ARG D 196 -39.73 18.77 -2.25
N GLU D 197 -41.05 18.69 -2.36
CA GLU D 197 -41.92 19.39 -1.43
C GLU D 197 -41.92 18.73 -0.06
N LEU D 198 -41.95 17.39 -0.03
CA LEU D 198 -41.85 16.69 1.25
C LEU D 198 -40.55 16.99 1.97
N ALA D 199 -39.46 17.13 1.21
CA ALA D 199 -38.14 17.33 1.80
C ALA D 199 -38.05 18.63 2.60
N ASP D 200 -38.99 19.56 2.39
CA ASP D 200 -38.99 20.87 3.00
C ASP D 200 -39.85 20.95 4.25
N VAL D 201 -40.95 20.23 4.31
CA VAL D 201 -41.83 20.27 5.49
C VAL D 201 -42.45 18.90 5.69
N GLY D 202 -42.27 18.35 6.90
CA GLY D 202 -42.86 17.08 7.26
C GLY D 202 -41.90 16.00 7.71
N GLY D 203 -42.31 14.74 7.57
CA GLY D 203 -41.48 13.64 8.01
C GLY D 203 -40.21 13.47 7.23
N TYR D 204 -40.13 14.06 6.02
CA TYR D 204 -38.93 13.96 5.18
C TYR D 204 -38.02 15.16 5.34
N GLU D 205 -38.24 16.02 6.34
CA GLU D 205 -37.40 17.20 6.50
C GLU D 205 -35.93 16.85 6.71
N PHE D 206 -35.64 15.63 7.18
CA PHE D 206 -34.24 15.26 7.36
C PHE D 206 -33.47 15.35 6.03
N LEU D 207 -34.18 15.26 4.90
CA LEU D 207 -33.50 15.35 3.61
C LEU D 207 -32.79 16.70 3.42
N THR D 208 -33.30 17.76 4.03
CA THR D 208 -32.63 19.05 3.93
C THR D 208 -31.87 19.43 5.20
N ASN D 209 -31.69 18.50 6.14
CA ASN D 209 -31.02 18.81 7.41
C ASN D 209 -29.97 17.76 7.75
N THR D 210 -29.38 17.13 6.73
CA THR D 210 -28.37 16.09 6.95
C THR D 210 -26.99 16.67 6.66
N PRO D 211 -26.09 16.73 7.64
CA PRO D 211 -24.78 17.36 7.43
C PRO D 211 -24.04 16.71 6.26
N GLY D 212 -23.58 17.55 5.33
CA GLY D 212 -22.72 17.06 4.27
C GLY D 212 -23.45 16.49 3.07
N TRP D 213 -24.77 16.40 3.13
CA TRP D 213 -25.57 15.85 2.04
C TRP D 213 -26.63 16.87 1.63
N SER D 214 -26.87 16.97 0.34
CA SER D 214 -28.05 17.67 -0.15
C SER D 214 -29.21 16.66 -0.29
N ALA D 215 -30.44 17.19 -0.27
CA ALA D 215 -31.62 16.33 -0.42
C ALA D 215 -31.56 15.53 -1.73
N GLU D 216 -31.21 16.20 -2.83
CA GLU D 216 -31.12 15.52 -4.11
C GLU D 216 -30.10 14.38 -4.08
N ASP D 217 -28.95 14.61 -3.42
CA ASP D 217 -27.92 13.57 -3.38
C ASP D 217 -28.36 12.37 -2.54
N ILE D 218 -29.08 12.61 -1.44
CA ILE D 218 -29.61 11.50 -0.66
C ILE D 218 -30.58 10.67 -1.51
N CYS D 219 -31.47 11.35 -2.25
CA CYS D 219 -32.45 10.64 -3.05
C CYS D 219 -31.76 9.81 -4.15
N LEU D 220 -30.70 10.36 -4.75
CA LEU D 220 -29.95 9.58 -5.75
C LEU D 220 -29.19 8.42 -5.08
N GLY D 221 -28.58 8.67 -3.92
CA GLY D 221 -27.84 7.61 -3.22
C GLY D 221 -28.74 6.45 -2.86
N TYR D 222 -29.97 6.74 -2.45
CA TYR D 222 -30.92 5.68 -2.17
C TYR D 222 -31.28 4.89 -3.43
N ALA D 223 -31.60 5.59 -4.52
CA ALA D 223 -31.92 4.89 -5.78
C ALA D 223 -30.74 4.01 -6.23
N LEU D 224 -29.52 4.47 -6.00
CA LEU D 224 -28.33 3.71 -6.38
C LEU D 224 -28.17 2.45 -5.55
N THR D 225 -28.82 2.38 -4.39
CA THR D 225 -28.71 1.13 -3.64
C THR D 225 -29.75 0.08 -4.02
N GLU D 226 -30.67 0.37 -4.94
CA GLU D 226 -31.68 -0.60 -5.33
C GLU D 226 -31.07 -1.63 -6.27
N PRO D 227 -31.11 -2.92 -5.94
CA PRO D 227 -30.41 -3.92 -6.76
C PRO D 227 -30.99 -4.13 -8.15
N SER D 228 -32.29 -3.88 -8.36
CA SER D 228 -32.91 -4.22 -9.64
C SER D 228 -32.61 -3.22 -10.76
N LEU D 229 -32.07 -2.04 -10.45
CA LEU D 229 -31.86 -0.99 -11.46
C LEU D 229 -30.50 -1.15 -12.13
N ALA D 230 -30.51 -1.17 -13.46
CA ALA D 230 -29.23 -1.16 -14.18
C ALA D 230 -28.60 0.20 -14.17
N THR D 231 -29.41 1.26 -14.15
CA THR D 231 -28.91 2.62 -14.23
C THR D 231 -30.01 3.52 -13.71
N VAL D 232 -29.63 4.71 -13.24
CA VAL D 232 -30.58 5.70 -12.69
C VAL D 232 -30.51 6.92 -13.59
N ARG D 233 -31.65 7.29 -14.17
CA ARG D 233 -31.71 8.42 -15.08
C ARG D 233 -31.72 9.71 -14.30
N VAL D 234 -30.85 10.65 -14.67
CA VAL D 234 -30.77 11.95 -14.03
C VAL D 234 -30.82 13.03 -15.10
N THR D 235 -31.33 14.19 -14.74
CA THR D 235 -31.27 15.36 -15.60
C THR D 235 -30.50 16.44 -14.86
N ALA D 236 -29.60 17.09 -15.56
CA ALA D 236 -28.78 18.15 -14.98
C ALA D 236 -28.54 19.19 -16.05
N ASP D 237 -28.49 20.47 -15.67
CA ASP D 237 -28.28 21.51 -16.67
C ASP D 237 -27.04 22.34 -16.41
N ASN D 238 -26.19 21.92 -15.48
CA ASN D 238 -24.94 22.62 -15.30
C ASN D 238 -23.87 21.62 -14.91
N ARG D 239 -22.61 22.02 -15.15
CA ARG D 239 -21.43 21.19 -14.89
C ARG D 239 -21.39 20.70 -13.46
N GLN D 240 -21.60 21.62 -12.52
CA GLN D 240 -21.39 21.32 -11.11
C GLN D 240 -22.42 20.30 -10.61
N GLU D 241 -23.66 20.40 -11.09
CA GLU D 241 -24.65 19.39 -10.72
C GLU D 241 -24.24 18.00 -11.24
N ILE D 242 -23.73 17.94 -12.47
CA ILE D 242 -23.30 16.64 -13.01
C ILE D 242 -22.19 16.07 -12.15
N GLU D 243 -21.23 16.90 -11.76
CA GLU D 243 -20.12 16.42 -10.93
C GLU D 243 -20.61 15.93 -9.58
N ARG D 244 -21.55 16.65 -8.96
CA ARG D 244 -22.05 16.18 -7.65
C ARG D 244 -22.83 14.88 -7.79
N LEU D 245 -23.72 14.79 -8.79
CA LEU D 245 -24.48 13.57 -8.96
C LEU D 245 -23.56 12.38 -9.20
N ALA D 246 -22.55 12.57 -10.06
CA ALA D 246 -21.62 11.48 -10.31
C ALA D 246 -20.86 11.11 -9.03
N ALA D 247 -20.49 12.10 -8.23
CA ALA D 247 -19.77 11.81 -6.99
C ALA D 247 -20.60 10.95 -6.04
N VAL D 248 -21.93 11.08 -6.09
CA VAL D 248 -22.77 10.27 -5.18
C VAL D 248 -22.55 8.78 -5.41
N VAL D 249 -22.24 8.38 -6.65
CA VAL D 249 -22.03 6.97 -6.96
C VAL D 249 -20.95 6.35 -6.09
N GLU D 250 -19.97 7.15 -5.67
CA GLU D 250 -18.86 6.66 -4.86
C GLU D 250 -19.05 6.93 -3.35
N ARG D 251 -20.16 7.54 -2.95
CA ARG D 251 -20.41 7.85 -1.55
C ARG D 251 -21.24 6.76 -0.90
N ASP D 252 -21.23 6.75 0.44
CA ASP D 252 -22.00 5.81 1.25
C ASP D 252 -23.05 6.59 2.03
N LEU D 253 -24.32 6.20 1.91
CA LEU D 253 -25.35 6.84 2.72
C LEU D 253 -25.11 6.56 4.20
N PRO D 254 -25.26 7.55 5.08
CA PRO D 254 -25.18 7.27 6.53
C PRO D 254 -26.28 6.32 6.96
N THR D 255 -25.97 5.45 7.93
CA THR D 255 -26.98 4.49 8.36
C THR D 255 -28.16 5.20 9.00
N GLY D 256 -27.91 6.35 9.64
CA GLY D 256 -29.01 7.12 10.21
C GLY D 256 -29.96 7.68 9.15
N VAL D 257 -29.44 8.02 7.98
CA VAL D 257 -30.35 8.43 6.88
C VAL D 257 -31.18 7.24 6.40
N CYS D 258 -30.57 6.06 6.23
CA CYS D 258 -31.35 4.87 5.90
C CYS D 258 -32.45 4.60 6.94
N ALA D 259 -32.14 4.77 8.22
CA ALA D 259 -33.16 4.55 9.25
C ALA D 259 -34.30 5.57 9.12
N GLN D 260 -33.97 6.85 8.89
CA GLN D 260 -35.01 7.85 8.70
C GLN D 260 -35.87 7.56 7.46
N ILE D 261 -35.25 7.08 6.39
CA ILE D 261 -36.04 6.73 5.20
C ILE D 261 -37.06 5.67 5.55
N GLU D 262 -36.67 4.67 6.36
CA GLU D 262 -37.65 3.64 6.74
C GLU D 262 -38.72 4.19 7.67
N MET D 263 -38.32 4.95 8.70
CA MET D 263 -39.27 5.58 9.63
C MET D 263 -40.27 6.49 8.97
N ALA D 264 -39.87 7.18 7.89
CA ALA D 264 -40.72 8.12 7.23
C ALA D 264 -41.86 7.46 6.49
N ARG D 265 -41.80 6.13 6.27
CA ARG D 265 -42.83 5.47 5.48
C ARG D 265 -44.15 5.37 6.22
N PHE D 266 -44.14 5.51 7.53
CA PHE D 266 -45.38 5.30 8.27
C PHE D 266 -46.38 6.39 7.94
N SER D 267 -47.66 6.01 7.94
CA SER D 267 -48.76 6.93 7.69
C SER D 267 -49.88 6.56 8.64
N ALA D 268 -50.37 7.53 9.41
CA ALA D 268 -51.38 7.21 10.41
C ALA D 268 -52.72 7.89 10.19
N GLN D 269 -52.80 8.90 9.32
CA GLN D 269 -54.04 9.66 9.17
C GLN D 269 -55.14 8.79 8.56
N GLU D 270 -56.32 8.81 9.21
CA GLU D 270 -57.49 8.08 8.75
C GLU D 270 -58.69 9.00 8.80
N ARG D 271 -59.57 8.92 7.79
CA ARG D 271 -60.79 9.70 7.82
C ARG D 271 -61.90 8.87 8.46
N GLU D 272 -62.89 9.59 9.01
CA GLU D 272 -64.12 9.02 9.52
C GLU D 272 -65.05 8.73 8.34
N LYS D 273 -65.99 7.80 8.51
CA LYS D 273 -66.92 7.52 7.42
C LYS D 273 -67.77 8.75 7.11
N ALA D 274 -68.17 8.86 5.84
CA ALA D 274 -68.83 10.05 5.32
C ALA D 274 -70.32 10.00 5.62
N ALA D 275 -71.05 10.95 5.06
CA ALA D 275 -72.47 11.11 5.37
C ALA D 275 -73.30 9.98 4.78
N ARG D 276 -74.30 9.55 5.53
CA ARG D 276 -75.35 8.71 4.99
C ARG D 276 -76.35 9.62 4.29
N ARG D 277 -76.88 9.14 3.17
CA ARG D 277 -77.94 9.86 2.45
C ARG D 277 -79.05 8.87 2.15
N PRO D 278 -79.82 8.49 3.18
CA PRO D 278 -80.80 7.41 2.98
C PRO D 278 -81.82 7.68 1.89
N LYS D 279 -82.28 8.93 1.73
CA LYS D 279 -83.27 9.22 0.70
C LYS D 279 -82.66 9.12 -0.69
N LEU D 280 -81.44 9.62 -0.87
CA LEU D 280 -80.72 9.47 -2.14
C LEU D 280 -80.51 7.99 -2.48
N ALA D 281 -80.02 7.20 -1.51
CA ALA D 281 -79.82 5.77 -1.73
C ALA D 281 -81.13 5.09 -2.09
N ALA D 282 -82.23 5.45 -1.41
CA ALA D 282 -83.53 4.84 -1.73
C ALA D 282 -83.98 5.20 -3.14
N ALA D 283 -83.74 6.44 -3.55
CA ALA D 283 -84.11 6.84 -4.89
C ALA D 283 -83.34 6.02 -5.92
N LEU D 284 -82.02 5.85 -5.70
CA LEU D 284 -81.22 5.06 -6.64
C LEU D 284 -81.69 3.61 -6.70
N GLU D 285 -82.00 3.03 -5.53
CA GLU D 285 -82.43 1.64 -5.51
C GLU D 285 -83.77 1.44 -6.22
N HIS D 286 -84.64 2.46 -6.21
CA HIS D 286 -85.94 2.37 -6.85
C HIS D 286 -85.91 2.75 -8.33
N HIS D 287 -84.77 2.53 -8.99
CA HIS D 287 -84.66 2.80 -10.42
C HIS D 287 -85.75 2.06 -11.20
N HIS D 288 -86.18 2.66 -12.29
CA HIS D 288 -87.16 2.04 -13.17
C HIS D 288 -86.64 0.72 -13.77
N HIS D 289 -87.59 -0.09 -14.25
CA HIS D 289 -87.34 -1.42 -14.82
C HIS D 289 -86.32 -2.23 -14.00
#